data_6ZPX
#
_entry.id   6ZPX
#
_cell.length_a   59.980
_cell.length_b   65.801
_cell.length_c   193.120
_cell.angle_alpha   90.000
_cell.angle_beta   90.000
_cell.angle_gamma   90.000
#
_symmetry.space_group_name_H-M   'P 21 21 21'
#
loop_
_entity.id
_entity.type
_entity.pdbx_description
1 polymer MgGH51
2 branched 2-acetamido-2-deoxy-beta-D-glucopyranose-(1-4)-2-acetamido-2-deoxy-beta-D-glucopyranose
3 branched beta-D-mannopyranose-(1-4)-2-acetamido-2-deoxy-beta-D-glucopyranose-(1-4)-2-acetamido-2-deoxy-beta-D-glucopyranose
4 non-polymer 'CHLORIDE ION'
5 water water
#
_entity_poly.entity_id   1
_entity_poly.type   'polypeptide(L)'
_entity_poly.pdbx_seq_one_letter_code
;VTVTVNKNPSHTVPSTLYGLMFEDINHSGDGGLYAELLQNRAFQQVTPNTAAALAAWHPISNAKLAVIQDPSPVSNALPN
SLQFSVPSGSSGRVGFTNEGFWGIKVDSTWTYKASLFFRFPTSSSFSGALTVGLQTNAGRVLAQNSTQIRGTTTKWTQIN
LELHPTASAPDVSNSFFVTIDGAAGAGQTINFAMFSLFPPTFKNRPNGLRADIAETLAEMGPSFFRFPGGNNLEGQTTAT
RWQWNATVGSLLDRPGRVGDWGYVNTDGLGLLEYLQFFEDTGMEPIMAVWAGYSLGGTSLAENQLAPYIQQAIDQINFVI
GDPAKSAPAALRASLGHPEPFTLRFVEVGNEDFFAAGSYPYRWHDFVTALQAQFPQIRFIATTNAWNPVLSPVPQSYDVH
VYQTPTWFYQNAFYYDGFQRNGTTYFEGEYAAISTNANDLFGTVADGRLAFPTVQSATGEAAFMTGLERNSDIVFAASYA
PLLQHVNSTQWTPDLVSYDAGSVIKSTSFFAQKLFALNKGDQYLPSTLPTNGGTLHWSITRASSSGKTFIKIANAGSSAQ
SLTFQLTQFNSVSSTGTLQVLTGPETASNTPEAPQAIVPKTSTIGTGKTFTYNAPAFSVSVITVTTN
;
_entity_poly.pdbx_strand_id   AAA
#
loop_
_chem_comp.id
_chem_comp.type
_chem_comp.name
_chem_comp.formula
BMA D-saccharide, beta linking beta-D-mannopyranose 'C6 H12 O6'
CL non-polymer 'CHLORIDE ION' 'Cl -1'
NAG D-saccharide, beta linking 2-acetamido-2-deoxy-beta-D-glucopyranose 'C8 H15 N O6'
#
# COMPACT_ATOMS: atom_id res chain seq x y z
N VAL A 1 28.00 -19.48 20.65
CA VAL A 1 28.26 -18.24 21.37
C VAL A 1 27.34 -18.22 22.60
N THR A 2 27.84 -17.78 23.75
CA THR A 2 27.06 -17.58 24.96
C THR A 2 26.53 -16.15 24.99
N VAL A 3 25.23 -16.01 25.17
CA VAL A 3 24.55 -14.70 25.15
C VAL A 3 23.96 -14.50 26.54
N THR A 4 24.53 -13.52 27.25
CA THR A 4 24.05 -13.14 28.58
C THR A 4 23.00 -12.09 28.38
N VAL A 5 21.86 -12.27 28.96
CA VAL A 5 20.74 -11.31 28.91
C VAL A 5 20.70 -10.48 30.19
N ASN A 6 20.74 -9.16 30.07
CA ASN A 6 20.61 -8.25 31.23
C ASN A 6 19.13 -8.16 31.60
N LYS A 7 18.76 -8.21 32.88
CA LYS A 7 17.35 -8.03 33.29
C LYS A 7 16.97 -6.55 33.24
N ASN A 8 17.94 -5.64 33.40
CA ASN A 8 17.57 -4.20 33.51
C ASN A 8 17.43 -3.62 32.10
N PRO A 9 16.25 -3.09 31.73
CA PRO A 9 16.08 -2.49 30.39
C PRO A 9 16.98 -1.25 30.20
N SER A 10 17.47 -1.04 28.99
CA SER A 10 18.27 0.17 28.65
C SER A 10 17.36 1.26 28.09
N HIS A 11 16.24 0.92 27.45
CA HIS A 11 15.33 1.96 26.94
C HIS A 11 13.99 1.36 26.64
N THR A 12 12.95 2.22 26.58
CA THR A 12 11.61 1.85 26.09
C THR A 12 11.64 1.70 24.55
N VAL A 13 11.02 0.64 24.04
CA VAL A 13 10.94 0.35 22.59
C VAL A 13 9.76 1.13 22.07
N PRO A 14 9.96 1.97 21.02
CA PRO A 14 8.86 2.80 20.57
C PRO A 14 7.73 1.93 20.03
N SER A 15 6.50 2.37 20.30
CA SER A 15 5.30 1.68 19.81
C SER A 15 5.31 1.65 18.29
N THR A 16 5.97 2.62 17.65
CA THR A 16 5.98 2.74 16.17
C THR A 16 7.12 1.97 15.48
N LEU A 17 7.83 1.12 16.15
CA LEU A 17 9.08 0.64 15.51
C LEU A 17 8.81 -0.03 14.15
N TYR A 18 7.79 -0.87 14.06
CA TYR A 18 7.53 -1.68 12.83
C TYR A 18 6.22 -1.28 12.17
N GLY A 19 6.32 -0.93 10.89
CA GLY A 19 5.09 -0.55 10.17
C GLY A 19 5.24 -0.70 8.67
N LEU A 20 4.37 -0.01 7.94
CA LEU A 20 4.25 -0.25 6.47
C LEU A 20 4.57 1.03 5.69
N MET A 21 5.13 0.84 4.49
CA MET A 21 5.33 1.97 3.51
C MET A 21 4.49 1.75 2.26
N PHE A 22 3.55 2.66 2.01
CA PHE A 22 2.64 2.55 0.88
C PHE A 22 2.78 3.75 -0.08
N GLU A 23 2.77 3.42 -1.37
CA GLU A 23 2.45 4.33 -2.48
C GLU A 23 1.74 3.47 -3.48
N ASP A 24 1.04 4.08 -4.44
CA ASP A 24 0.46 3.31 -5.58
C ASP A 24 1.59 3.06 -6.55
N ILE A 25 2.14 1.90 -6.48
CA ILE A 25 3.24 1.35 -7.30
C ILE A 25 2.85 -0.11 -7.59
N ASN A 26 3.16 -0.66 -8.76
CA ASN A 26 2.82 -2.05 -9.11
C ASN A 26 1.32 -2.28 -8.94
N HIS A 27 0.49 -1.27 -9.16
CA HIS A 27 -0.98 -1.34 -8.96
C HIS A 27 -1.26 -1.90 -7.55
N SER A 28 -0.65 -1.26 -6.57
CA SER A 28 -0.85 -1.51 -5.14
C SER A 28 -2.11 -0.80 -4.65
N GLY A 29 -2.51 0.28 -5.32
CA GLY A 29 -3.75 1.02 -4.92
C GLY A 29 -4.85 0.63 -5.85
N ASP A 30 -4.94 1.33 -6.99
CA ASP A 30 -5.81 0.86 -8.10
C ASP A 30 -5.39 -0.51 -8.55
N GLY A 31 -6.27 -1.49 -8.53
CA GLY A 31 -5.82 -2.85 -8.90
C GLY A 31 -5.37 -3.70 -7.72
N GLY A 32 -5.24 -3.11 -6.56
CA GLY A 32 -4.55 -3.74 -5.40
C GLY A 32 -5.42 -3.61 -4.16
N LEU A 33 -4.92 -2.81 -3.20
CA LEU A 33 -5.59 -2.63 -1.92
C LEU A 33 -6.93 -1.99 -2.11
N TYR A 34 -7.12 -1.12 -3.11
CA TYR A 34 -8.47 -0.51 -3.30
C TYR A 34 -9.35 -1.57 -4.01
N ALA A 35 -10.60 -1.80 -3.56
CA ALA A 35 -11.35 -3.02 -3.94
C ALA A 35 -11.98 -2.89 -5.34
N GLU A 36 -12.06 -1.70 -5.94
CA GLU A 36 -12.63 -1.50 -7.30
C GLU A 36 -12.10 -2.52 -8.29
N LEU A 37 -13.00 -3.16 -9.04
CA LEU A 37 -12.62 -4.24 -9.97
C LEU A 37 -12.52 -3.80 -11.45
N LEU A 38 -13.05 -2.63 -11.80
CA LEU A 38 -12.95 -2.15 -13.22
C LEU A 38 -11.78 -1.23 -13.42
N GLN A 39 -10.95 -1.56 -14.41
CA GLN A 39 -9.80 -0.72 -14.80
C GLN A 39 -10.28 0.45 -15.68
N ASN A 40 -9.77 1.65 -15.48
CA ASN A 40 -10.14 2.76 -16.37
C ASN A 40 -11.63 3.05 -16.23
N ARG A 41 -12.08 2.98 -15.00
CA ARG A 41 -13.54 2.96 -14.71
C ARG A 41 -14.23 4.22 -15.20
N ALA A 42 -13.54 5.35 -15.20
CA ALA A 42 -14.21 6.65 -15.43
C ALA A 42 -13.49 7.47 -16.52
N PHE A 43 -12.54 6.86 -17.25
CA PHE A 43 -11.89 7.50 -18.41
C PHE A 43 -11.11 8.70 -17.89
N GLN A 44 -10.51 8.59 -16.72
CA GLN A 44 -9.76 9.70 -16.12
C GLN A 44 -8.46 9.90 -16.84
N GLN A 45 -8.13 11.17 -17.19
CA GLN A 45 -6.78 11.58 -17.64
C GLN A 45 -6.32 10.84 -18.87
N VAL A 46 -7.27 10.50 -19.73
CA VAL A 46 -6.94 9.95 -21.08
C VAL A 46 -7.32 10.97 -22.18
N THR A 47 -6.70 10.82 -23.32
CA THR A 47 -6.99 11.64 -24.54
C THR A 47 -8.23 11.13 -25.28
N PRO A 48 -9.35 11.90 -25.37
CA PRO A 48 -10.48 11.41 -26.12
C PRO A 48 -10.20 10.96 -27.55
N ASN A 49 -10.98 9.95 -27.94
CA ASN A 49 -11.04 9.45 -29.34
C ASN A 49 -9.75 8.74 -29.69
N THR A 50 -9.02 8.24 -28.69
CA THR A 50 -7.77 7.47 -28.93
C THR A 50 -8.03 6.03 -28.39
N ALA A 51 -7.18 5.07 -28.81
CA ALA A 51 -7.22 3.66 -28.36
C ALA A 51 -6.87 3.62 -26.86
N ALA A 52 -5.90 4.39 -26.41
CA ALA A 52 -5.50 4.38 -24.99
C ALA A 52 -6.68 4.83 -24.12
N ALA A 53 -7.54 5.70 -24.58
CA ALA A 53 -8.70 6.12 -23.78
C ALA A 53 -9.60 4.91 -23.48
N LEU A 54 -9.63 3.96 -24.40
CA LEU A 54 -10.47 2.74 -24.29
C LEU A 54 -9.74 1.62 -23.57
N ALA A 55 -8.58 1.87 -22.97
CA ALA A 55 -7.80 0.82 -22.28
C ALA A 55 -8.67 0.05 -21.28
N ALA A 56 -8.66 -1.27 -21.41
CA ALA A 56 -9.40 -2.28 -20.58
C ALA A 56 -10.85 -2.47 -21.04
N TRP A 57 -11.34 -1.68 -22.02
CA TRP A 57 -12.73 -1.79 -22.53
C TRP A 57 -12.77 -2.38 -23.94
N HIS A 58 -13.76 -3.21 -24.20
CA HIS A 58 -13.86 -3.99 -25.45
C HIS A 58 -15.29 -4.08 -25.90
N PRO A 59 -15.56 -3.99 -27.21
CA PRO A 59 -16.93 -4.15 -27.67
C PRO A 59 -17.39 -5.61 -27.55
N ILE A 60 -18.68 -5.75 -27.36
CA ILE A 60 -19.38 -7.02 -27.64
C ILE A 60 -20.08 -6.85 -28.99
N SER A 61 -19.89 -7.83 -29.86
CA SER A 61 -20.57 -7.89 -31.18
C SER A 61 -20.16 -6.60 -31.95
N ASN A 62 -21.11 -5.98 -32.63
CA ASN A 62 -20.87 -4.82 -33.54
C ASN A 62 -21.05 -3.48 -32.82
N ALA A 63 -20.89 -3.43 -31.50
CA ALA A 63 -20.99 -2.15 -30.75
C ALA A 63 -19.89 -1.21 -31.24
N LYS A 64 -20.20 0.07 -31.32
CA LYS A 64 -19.22 1.14 -31.63
C LYS A 64 -18.92 1.89 -30.33
N LEU A 65 -17.67 1.96 -29.97
CA LEU A 65 -17.22 2.61 -28.73
C LEU A 65 -16.33 3.78 -29.08
N ALA A 66 -16.46 4.84 -28.30
CA ALA A 66 -15.48 5.95 -28.32
C ALA A 66 -15.47 6.63 -26.98
N VAL A 67 -14.31 7.07 -26.55
CA VAL A 67 -14.24 7.96 -25.37
C VAL A 67 -14.26 9.40 -25.87
N ILE A 68 -15.28 10.17 -25.49
CA ILE A 68 -15.48 11.56 -25.92
C ILE A 68 -15.31 12.56 -24.77
N GLN A 69 -14.87 13.78 -25.10
CA GLN A 69 -14.99 14.96 -24.23
C GLN A 69 -16.47 15.33 -24.31
N ASP A 70 -17.24 14.89 -23.35
CA ASP A 70 -18.71 15.03 -23.35
C ASP A 70 -19.13 16.49 -23.35
N PRO A 71 -19.91 16.98 -24.33
CA PRO A 71 -20.46 18.33 -24.23
C PRO A 71 -21.25 18.61 -22.93
N SER A 72 -21.82 17.57 -22.29
CA SER A 72 -22.56 17.70 -20.98
C SER A 72 -22.06 16.60 -20.06
N PRO A 73 -20.87 16.77 -19.46
CA PRO A 73 -20.22 15.67 -18.71
C PRO A 73 -20.92 15.41 -17.39
N VAL A 74 -20.68 14.24 -16.84
CA VAL A 74 -21.33 13.79 -15.59
C VAL A 74 -20.95 14.67 -14.39
N SER A 75 -19.80 15.29 -14.46
CA SER A 75 -19.28 16.20 -13.43
CA SER A 75 -19.28 16.20 -13.43
C SER A 75 -18.15 17.05 -14.00
N ASN A 76 -17.73 18.07 -13.25
CA ASN A 76 -16.57 18.91 -13.61
C ASN A 76 -15.33 18.02 -13.58
N ALA A 77 -15.23 17.08 -12.64
CA ALA A 77 -14.02 16.28 -12.48
C ALA A 77 -13.90 15.17 -13.53
N LEU A 78 -15.01 14.77 -14.16
CA LEU A 78 -15.03 13.61 -15.09
C LEU A 78 -15.53 14.08 -16.46
N PRO A 79 -14.67 14.77 -17.23
CA PRO A 79 -15.12 15.35 -18.50
C PRO A 79 -15.38 14.31 -19.60
N ASN A 80 -14.81 13.12 -19.45
CA ASN A 80 -14.91 12.09 -20.48
C ASN A 80 -16.06 11.12 -20.23
N SER A 81 -16.65 10.66 -21.32
CA SER A 81 -17.73 9.66 -21.31
C SER A 81 -17.40 8.57 -22.33
N LEU A 82 -17.92 7.39 -22.10
CA LEU A 82 -17.97 6.31 -23.11
C LEU A 82 -19.22 6.47 -23.97
N GLN A 83 -19.04 6.80 -25.24
CA GLN A 83 -20.12 6.84 -26.24
C GLN A 83 -20.30 5.46 -26.84
N PHE A 84 -21.45 4.88 -26.59
CA PHE A 84 -21.82 3.53 -27.05
C PHE A 84 -22.89 3.66 -28.14
N SER A 85 -22.63 3.13 -29.30
CA SER A 85 -23.64 3.14 -30.40
CA SER A 85 -23.66 3.12 -30.37
C SER A 85 -23.86 1.71 -30.93
N VAL A 86 -25.11 1.42 -31.20
CA VAL A 86 -25.55 0.15 -31.83
C VAL A 86 -25.89 0.47 -33.28
N PRO A 87 -25.18 -0.11 -34.27
CA PRO A 87 -25.56 0.06 -35.68
C PRO A 87 -27.00 -0.31 -36.01
N SER A 88 -27.54 0.36 -37.03
CA SER A 88 -28.74 -0.07 -37.75
C SER A 88 -28.66 -1.57 -38.03
N GLY A 89 -29.81 -2.26 -37.94
CA GLY A 89 -29.98 -3.67 -38.36
C GLY A 89 -29.33 -4.64 -37.41
N SER A 90 -28.95 -4.21 -36.21
CA SER A 90 -28.32 -5.11 -35.22
C SER A 90 -29.32 -6.11 -34.67
N SER A 91 -28.78 -7.08 -33.94
CA SER A 91 -29.57 -8.17 -33.30
C SER A 91 -28.77 -8.78 -32.14
N GLY A 92 -29.48 -9.49 -31.27
CA GLY A 92 -28.87 -10.27 -30.20
C GLY A 92 -28.22 -9.40 -29.14
N ARG A 93 -27.07 -9.82 -28.66
CA ARG A 93 -26.44 -9.20 -27.49
C ARG A 93 -25.39 -8.23 -28.04
N VAL A 94 -25.57 -6.97 -27.73
CA VAL A 94 -24.60 -5.91 -28.13
CA VAL A 94 -24.64 -5.88 -28.13
C VAL A 94 -24.23 -5.08 -26.89
N GLY A 95 -22.96 -4.74 -26.75
CA GLY A 95 -22.52 -4.01 -25.55
C GLY A 95 -21.03 -3.95 -25.48
N PHE A 96 -20.51 -3.99 -24.25
CA PHE A 96 -19.05 -3.88 -24.06
C PHE A 96 -18.67 -4.52 -22.72
N THR A 97 -17.40 -4.86 -22.64
CA THR A 97 -16.79 -5.49 -21.48
C THR A 97 -15.66 -4.63 -20.92
N ASN A 98 -15.37 -4.88 -19.64
CA ASN A 98 -14.16 -4.39 -18.94
C ASN A 98 -13.37 -5.58 -18.43
N GLU A 99 -12.10 -5.71 -18.81
CA GLU A 99 -11.25 -6.87 -18.51
C GLU A 99 -10.76 -6.82 -17.05
N GLY A 100 -11.10 -5.80 -16.29
CA GLY A 100 -10.56 -5.60 -14.93
C GLY A 100 -9.05 -5.35 -14.95
N PHE A 101 -8.40 -5.50 -13.78
CA PHE A 101 -6.94 -5.43 -13.65
C PHE A 101 -6.41 -6.81 -13.92
N TRP A 102 -6.24 -7.18 -15.18
CA TRP A 102 -5.72 -8.50 -15.55
C TRP A 102 -6.61 -9.61 -15.04
N GLY A 103 -7.92 -9.36 -15.05
CA GLY A 103 -8.86 -10.38 -14.59
C GLY A 103 -9.82 -9.82 -13.55
N ILE A 104 -10.78 -10.66 -13.16
CA ILE A 104 -11.77 -10.38 -12.09
C ILE A 104 -12.03 -11.72 -11.43
N LYS A 105 -11.86 -11.81 -10.13
CA LYS A 105 -12.28 -13.03 -9.40
C LYS A 105 -13.79 -13.07 -9.27
N VAL A 106 -14.37 -14.16 -9.77
CA VAL A 106 -15.85 -14.35 -9.74
C VAL A 106 -16.13 -15.52 -8.79
N ASP A 107 -16.68 -15.17 -7.65
CA ASP A 107 -16.91 -16.08 -6.50
C ASP A 107 -18.38 -16.08 -6.15
N SER A 108 -19.01 -17.27 -6.16
CA SER A 108 -20.45 -17.35 -5.86
C SER A 108 -20.76 -17.08 -4.39
N THR A 109 -19.76 -16.99 -3.54
CA THR A 109 -20.02 -16.67 -2.10
C THR A 109 -20.05 -15.16 -1.90
N TRP A 110 -19.84 -14.36 -2.95
CA TRP A 110 -19.73 -12.89 -2.87
C TRP A 110 -20.89 -12.27 -3.61
N THR A 111 -21.49 -11.24 -3.04
CA THR A 111 -22.36 -10.32 -3.77
C THR A 111 -21.54 -9.14 -4.27
N TYR A 112 -21.66 -8.81 -5.54
CA TYR A 112 -20.96 -7.65 -6.13
C TYR A 112 -21.92 -6.51 -6.30
N LYS A 113 -21.38 -5.29 -6.21
CA LYS A 113 -22.22 -4.06 -6.41
C LYS A 113 -21.74 -3.37 -7.70
N ALA A 114 -22.59 -3.37 -8.73
CA ALA A 114 -22.31 -2.72 -10.04
C ALA A 114 -23.01 -1.40 -10.07
N SER A 115 -22.33 -0.38 -10.60
CA SER A 115 -23.01 0.91 -10.85
C SER A 115 -22.39 1.58 -12.08
N LEU A 116 -23.17 2.45 -12.63
CA LEU A 116 -22.76 3.32 -13.77
C LEU A 116 -23.67 4.50 -13.84
N PHE A 117 -23.22 5.52 -14.55
CA PHE A 117 -24.11 6.62 -14.93
C PHE A 117 -24.34 6.58 -16.47
N PHE A 118 -25.52 6.95 -16.91
CA PHE A 118 -25.84 6.96 -18.35
C PHE A 118 -26.76 8.13 -18.63
N ARG A 119 -26.75 8.54 -19.90
CA ARG A 119 -27.84 9.37 -20.41
C ARG A 119 -27.94 9.10 -21.92
N PHE A 120 -29.12 9.33 -22.46
CA PHE A 120 -29.27 9.38 -23.94
C PHE A 120 -28.97 10.79 -24.41
N PRO A 121 -27.91 11.05 -25.18
CA PRO A 121 -27.56 12.43 -25.56
C PRO A 121 -28.64 13.04 -26.48
N THR A 122 -29.38 12.19 -27.19
CA THR A 122 -30.55 12.62 -28.00
C THR A 122 -31.77 11.83 -27.58
N SER A 123 -32.85 12.51 -27.16
CA SER A 123 -34.07 11.80 -26.73
C SER A 123 -34.49 10.81 -27.84
N SER A 124 -34.88 9.58 -27.46
CA SER A 124 -35.37 8.54 -28.39
C SER A 124 -36.51 7.75 -27.77
N SER A 125 -37.18 6.98 -28.62
CA SER A 125 -38.31 6.10 -28.24
C SER A 125 -37.78 4.78 -27.64
N PHE A 126 -36.46 4.61 -27.47
CA PHE A 126 -35.92 3.34 -26.92
C PHE A 126 -36.62 2.93 -25.61
N SER A 127 -36.96 1.66 -25.54
CA SER A 127 -37.56 1.09 -24.32
C SER A 127 -37.07 -0.35 -24.23
N GLY A 128 -36.34 -0.67 -23.18
CA GLY A 128 -35.85 -2.05 -23.04
C GLY A 128 -34.92 -2.16 -21.83
N ALA A 129 -34.34 -3.32 -21.64
CA ALA A 129 -33.57 -3.63 -20.45
C ALA A 129 -32.08 -3.42 -20.75
N LEU A 130 -31.43 -2.78 -19.81
CA LEU A 130 -29.97 -2.70 -19.73
CA LEU A 130 -29.97 -2.72 -19.75
C LEU A 130 -29.51 -3.81 -18.80
N THR A 131 -28.58 -4.64 -19.22
CA THR A 131 -28.12 -5.79 -18.44
C THR A 131 -26.63 -5.59 -18.10
N VAL A 132 -26.27 -5.80 -16.84
CA VAL A 132 -24.84 -5.84 -16.42
C VAL A 132 -24.54 -7.22 -15.87
N GLY A 133 -23.28 -7.62 -15.88
CA GLY A 133 -22.98 -8.91 -15.29
C GLY A 133 -21.51 -9.25 -15.41
N LEU A 134 -21.23 -10.49 -15.10
CA LEU A 134 -19.86 -11.02 -15.20
C LEU A 134 -19.90 -12.19 -16.17
N GLN A 135 -18.81 -12.38 -16.94
CA GLN A 135 -18.80 -13.48 -17.87
C GLN A 135 -17.35 -13.95 -17.91
N THR A 136 -17.20 -15.19 -18.20
CA THR A 136 -15.83 -15.69 -18.53
C THR A 136 -15.40 -15.04 -19.84
N ASN A 137 -14.10 -15.03 -20.10
CA ASN A 137 -13.60 -14.39 -21.33
C ASN A 137 -13.97 -15.28 -22.56
N ALA A 138 -14.66 -16.41 -22.42
CA ALA A 138 -15.35 -17.07 -23.59
C ALA A 138 -16.77 -16.50 -23.86
N GLY A 139 -17.32 -15.79 -22.93
CA GLY A 139 -18.65 -15.18 -23.07
C GLY A 139 -19.69 -15.90 -22.26
N ARG A 140 -19.30 -17.05 -21.60
CA ARG A 140 -20.09 -17.82 -20.56
C ARG A 140 -20.54 -16.90 -19.43
N VAL A 141 -21.82 -16.58 -19.35
CA VAL A 141 -22.34 -15.62 -18.36
C VAL A 141 -22.42 -16.32 -16.98
N LEU A 142 -21.80 -15.72 -15.98
CA LEU A 142 -21.77 -16.26 -14.59
C LEU A 142 -22.70 -15.44 -13.69
N ALA A 143 -22.92 -14.17 -13.94
CA ALA A 143 -23.87 -13.35 -13.14
C ALA A 143 -24.50 -12.29 -14.03
N GLN A 144 -25.76 -11.90 -13.76
CA GLN A 144 -26.39 -10.91 -14.61
C GLN A 144 -27.54 -10.33 -13.81
N ASN A 145 -27.79 -9.08 -14.06
CA ASN A 145 -28.98 -8.39 -13.50
C ASN A 145 -29.31 -7.30 -14.50
N SER A 146 -30.54 -6.79 -14.48
CA SER A 146 -30.93 -5.82 -15.50
CA SER A 146 -31.00 -5.88 -15.52
C SER A 146 -31.99 -4.90 -14.91
N THR A 147 -32.19 -3.79 -15.58
CA THR A 147 -33.21 -2.81 -15.19
C THR A 147 -33.70 -2.15 -16.49
N GLN A 148 -34.90 -1.59 -16.47
CA GLN A 148 -35.54 -0.98 -17.65
C GLN A 148 -35.02 0.44 -17.80
N ILE A 149 -34.61 0.83 -19.01
CA ILE A 149 -34.22 2.23 -19.28
C ILE A 149 -35.05 2.72 -20.46
N ARG A 150 -35.13 4.03 -20.61
CA ARG A 150 -35.90 4.70 -21.68
C ARG A 150 -34.99 5.72 -22.35
N GLY A 151 -35.11 5.80 -23.67
CA GLY A 151 -34.38 6.81 -24.43
C GLY A 151 -34.81 8.23 -24.14
N THR A 152 -35.95 8.44 -23.47
CA THR A 152 -36.37 9.79 -23.02
C THR A 152 -35.52 10.26 -21.84
N THR A 153 -34.63 9.42 -21.30
CA THR A 153 -33.76 9.80 -20.17
C THR A 153 -32.51 10.49 -20.71
N THR A 154 -32.54 11.83 -20.78
CA THR A 154 -31.46 12.66 -21.38
C THR A 154 -30.63 13.30 -20.28
N LYS A 155 -31.02 13.14 -19.01
CA LYS A 155 -30.25 13.65 -17.84
C LYS A 155 -29.45 12.49 -17.24
N TRP A 156 -28.26 12.75 -16.78
CA TRP A 156 -27.39 11.73 -16.16
C TRP A 156 -28.13 11.01 -15.03
N THR A 157 -28.11 9.69 -15.08
CA THR A 157 -28.89 8.80 -14.19
C THR A 157 -28.02 7.64 -13.76
N GLN A 158 -27.95 7.38 -12.45
CA GLN A 158 -27.13 6.27 -11.93
C GLN A 158 -27.98 5.02 -11.90
N ILE A 159 -27.37 3.93 -12.31
N ILE A 159 -27.41 3.93 -12.38
CA ILE A 159 -27.92 2.56 -12.17
CA ILE A 159 -27.93 2.55 -12.19
C ILE A 159 -27.08 1.85 -11.10
C ILE A 159 -27.10 1.92 -11.06
N ASN A 160 -27.75 1.17 -10.18
CA ASN A 160 -27.12 0.40 -9.09
C ASN A 160 -27.76 -0.99 -9.12
N LEU A 161 -26.98 -2.01 -9.43
CA LEU A 161 -27.44 -3.39 -9.44
C LEU A 161 -26.48 -4.31 -8.72
N GLU A 162 -27.01 -5.24 -7.94
CA GLU A 162 -26.22 -6.33 -7.33
C GLU A 162 -26.08 -7.49 -8.28
N LEU A 163 -24.92 -8.16 -8.18
CA LEU A 163 -24.66 -9.34 -9.00
C LEU A 163 -24.33 -10.55 -8.10
N HIS A 164 -24.97 -11.67 -8.43
N HIS A 164 -24.93 -11.69 -8.45
CA HIS A 164 -24.86 -12.95 -7.69
CA HIS A 164 -24.85 -12.95 -7.70
C HIS A 164 -24.44 -14.04 -8.66
C HIS A 164 -24.44 -14.06 -8.64
N PRO A 165 -23.13 -14.44 -8.71
CA PRO A 165 -22.79 -15.49 -9.61
C PRO A 165 -23.49 -16.82 -9.34
N THR A 166 -23.85 -17.51 -10.41
CA THR A 166 -24.45 -18.86 -10.31
C THR A 166 -23.38 -19.91 -10.06
N ALA A 167 -22.13 -19.63 -10.30
CA ALA A 167 -20.97 -20.49 -10.15
C ALA A 167 -19.74 -19.63 -9.98
N SER A 168 -18.79 -20.06 -9.15
CA SER A 168 -17.41 -19.52 -9.12
C SER A 168 -16.70 -19.89 -10.40
N ALA A 169 -15.93 -18.96 -10.95
CA ALA A 169 -15.13 -19.22 -12.15
C ALA A 169 -13.98 -20.11 -11.77
N PRO A 170 -13.50 -20.90 -12.74
CA PRO A 170 -12.30 -21.70 -12.53
C PRO A 170 -10.96 -20.96 -12.49
N ASP A 171 -10.93 -19.72 -13.00
CA ASP A 171 -9.76 -18.84 -12.98
C ASP A 171 -10.25 -17.40 -12.97
N VAL A 172 -9.33 -16.43 -13.08
CA VAL A 172 -9.69 -14.99 -13.02
C VAL A 172 -9.85 -14.39 -14.42
N SER A 173 -9.89 -15.18 -15.47
CA SER A 173 -10.03 -14.66 -16.86
CA SER A 173 -10.01 -14.66 -16.86
C SER A 173 -11.50 -14.40 -17.15
N ASN A 174 -12.01 -13.39 -16.52
CA ASN A 174 -13.45 -12.99 -16.52
C ASN A 174 -13.50 -11.51 -16.82
N SER A 175 -14.70 -11.01 -17.18
CA SER A 175 -14.92 -9.60 -17.50
C SER A 175 -16.29 -9.18 -17.00
N PHE A 176 -16.39 -7.90 -16.73
CA PHE A 176 -17.69 -7.25 -16.45
C PHE A 176 -18.30 -6.93 -17.81
N PHE A 177 -19.63 -6.91 -17.91
CA PHE A 177 -20.28 -6.57 -19.18
C PHE A 177 -21.50 -5.72 -18.95
N VAL A 178 -21.76 -4.92 -19.99
CA VAL A 178 -23.02 -4.15 -20.10
C VAL A 178 -23.57 -4.47 -21.48
N THR A 179 -24.84 -4.80 -21.60
CA THR A 179 -25.44 -5.15 -22.90
C THR A 179 -26.85 -4.59 -22.97
N ILE A 180 -27.30 -4.39 -24.21
CA ILE A 180 -28.73 -4.19 -24.53
C ILE A 180 -29.06 -5.14 -25.69
N ASP A 181 -30.35 -5.30 -25.93
CA ASP A 181 -30.84 -6.10 -27.09
C ASP A 181 -30.49 -5.34 -28.38
N GLY A 182 -29.75 -5.96 -29.30
CA GLY A 182 -29.31 -5.36 -30.56
C GLY A 182 -30.47 -4.90 -31.44
N ALA A 183 -31.55 -5.67 -31.54
CA ALA A 183 -32.70 -5.26 -32.38
C ALA A 183 -33.42 -4.10 -31.70
N ALA A 184 -33.77 -4.20 -30.44
CA ALA A 184 -34.46 -3.09 -29.72
C ALA A 184 -33.55 -1.84 -29.69
N GLY A 185 -32.23 -2.02 -29.66
CA GLY A 185 -31.28 -0.92 -29.49
C GLY A 185 -30.73 -0.41 -30.80
N ALA A 186 -31.16 -0.96 -31.94
CA ALA A 186 -30.54 -0.66 -33.23
C ALA A 186 -30.63 0.84 -33.45
N GLY A 187 -29.53 1.45 -33.81
CA GLY A 187 -29.51 2.90 -34.10
C GLY A 187 -29.39 3.80 -32.87
N GLN A 188 -29.33 3.26 -31.64
CA GLN A 188 -29.28 4.10 -30.42
C GLN A 188 -27.84 4.44 -30.08
N THR A 189 -27.69 5.59 -29.43
CA THR A 189 -26.43 6.04 -28.80
C THR A 189 -26.70 6.36 -27.34
N ILE A 190 -25.87 5.80 -26.49
CA ILE A 190 -25.92 6.05 -25.02
C ILE A 190 -24.54 6.55 -24.62
N ASN A 191 -24.51 7.57 -23.77
CA ASN A 191 -23.25 8.03 -23.13
C ASN A 191 -23.21 7.45 -21.69
N PHE A 192 -22.06 6.92 -21.32
CA PHE A 192 -21.81 6.32 -20.00
C PHE A 192 -20.69 7.11 -19.32
N ALA A 193 -20.69 7.11 -18.01
CA ALA A 193 -19.62 7.68 -17.19
C ALA A 193 -19.53 6.95 -15.84
N MET A 194 -18.35 6.99 -15.20
CA MET A 194 -18.21 6.66 -13.75
C MET A 194 -18.77 5.27 -13.46
N PHE A 195 -18.20 4.26 -14.08
CA PHE A 195 -18.56 2.86 -13.83
C PHE A 195 -17.91 2.43 -12.51
N SER A 196 -18.45 1.39 -11.89
CA SER A 196 -17.89 0.81 -10.66
C SER A 196 -18.39 -0.62 -10.49
N LEU A 197 -17.46 -1.48 -10.11
CA LEU A 197 -17.80 -2.83 -9.66
C LEU A 197 -17.01 -3.09 -8.37
N PHE A 198 -17.74 -3.33 -7.29
CA PHE A 198 -17.09 -3.70 -6.00
C PHE A 198 -17.47 -5.10 -5.55
N PRO A 199 -16.49 -5.87 -5.02
CA PRO A 199 -16.81 -7.06 -4.23
C PRO A 199 -17.13 -6.65 -2.82
N PRO A 200 -17.43 -7.60 -1.91
CA PRO A 200 -17.47 -7.28 -0.48
C PRO A 200 -16.14 -6.69 -0.07
N THR A 201 -16.18 -5.71 0.81
CA THR A 201 -14.94 -5.00 1.23
C THR A 201 -14.50 -5.32 2.65
N PHE A 202 -13.23 -5.07 2.94
CA PHE A 202 -12.67 -5.08 4.30
C PHE A 202 -13.59 -4.26 5.21
N LYS A 203 -14.03 -4.89 6.31
CA LYS A 203 -14.93 -4.25 7.30
C LYS A 203 -16.18 -3.68 6.67
N ASN A 204 -16.59 -4.17 5.49
CA ASN A 204 -17.79 -3.68 4.77
CA ASN A 204 -17.81 -3.67 4.85
C ASN A 204 -17.75 -2.14 4.65
N ARG A 205 -16.57 -1.57 4.50
CA ARG A 205 -16.44 -0.10 4.30
C ARG A 205 -17.00 0.23 2.92
N PRO A 206 -17.94 1.20 2.85
CA PRO A 206 -18.19 1.83 1.59
C PRO A 206 -16.86 2.43 1.09
N ASN A 207 -16.73 2.17 -0.19
CA ASN A 207 -15.57 2.61 -1.00
C ASN A 207 -14.27 2.02 -0.41
N GLY A 208 -14.30 0.77 0.03
CA GLY A 208 -13.26 0.16 0.84
C GLY A 208 -12.25 -0.65 0.09
N LEU A 209 -11.68 -1.55 0.84
CA LEU A 209 -10.41 -2.21 0.42
C LEU A 209 -10.68 -3.68 0.13
N ARG A 210 -9.72 -4.28 -0.55
CA ARG A 210 -9.81 -5.68 -1.02
C ARG A 210 -9.45 -6.52 0.24
N ALA A 211 -10.33 -7.43 0.59
CA ALA A 211 -10.30 -8.16 1.88
C ALA A 211 -9.03 -8.97 2.07
N ASP A 212 -8.64 -9.82 1.15
CA ASP A 212 -7.44 -10.68 1.37
C ASP A 212 -6.20 -9.80 1.60
N ILE A 213 -6.02 -8.78 0.80
CA ILE A 213 -4.82 -7.91 0.91
C ILE A 213 -4.89 -7.14 2.23
N ALA A 214 -6.04 -6.52 2.58
CA ALA A 214 -6.06 -5.73 3.81
C ALA A 214 -5.84 -6.64 5.04
N GLU A 215 -6.37 -7.85 4.99
CA GLU A 215 -6.19 -8.79 6.13
C GLU A 215 -4.73 -9.20 6.22
N THR A 216 -4.06 -9.31 5.13
CA THR A 216 -2.62 -9.71 5.09
C THR A 216 -1.83 -8.59 5.75
N LEU A 217 -2.13 -7.33 5.39
CA LEU A 217 -1.44 -6.19 6.00
C LEU A 217 -1.69 -6.19 7.52
N ALA A 218 -2.94 -6.34 7.96
CA ALA A 218 -3.27 -6.39 9.39
C ALA A 218 -2.55 -7.55 10.10
N GLU A 219 -2.40 -8.67 9.43
CA GLU A 219 -1.77 -9.91 10.00
C GLU A 219 -0.36 -9.57 10.47
N MET A 220 0.34 -8.64 9.83
N MET A 220 0.27 -8.59 9.83
CA MET A 220 1.76 -8.39 10.18
CA MET A 220 1.72 -8.30 10.04
C MET A 220 1.85 -7.78 11.61
C MET A 220 1.88 -7.49 11.35
N GLY A 221 0.77 -7.02 11.96
CA GLY A 221 0.75 -6.27 13.21
C GLY A 221 1.47 -4.92 13.10
N PRO A 222 1.27 -4.18 12.00
CA PRO A 222 1.96 -2.91 11.87
C PRO A 222 1.43 -1.86 12.84
N SER A 223 2.31 -0.90 13.14
CA SER A 223 1.97 0.23 14.06
C SER A 223 1.82 1.53 13.31
N PHE A 224 2.26 1.61 12.08
CA PHE A 224 2.18 2.86 11.30
C PHE A 224 2.03 2.52 9.83
N PHE A 225 1.62 3.54 9.08
CA PHE A 225 1.43 3.47 7.61
C PHE A 225 1.93 4.80 7.03
N ARG A 226 3.05 4.72 6.36
CA ARG A 226 3.65 5.89 5.66
C ARG A 226 2.99 5.99 4.29
N PHE A 227 2.47 7.18 3.96
CA PHE A 227 1.73 7.35 2.70
C PHE A 227 1.65 8.84 2.42
N PRO A 228 1.27 9.28 1.20
CA PRO A 228 0.95 8.46 0.02
C PRO A 228 2.12 8.17 -0.89
N GLY A 229 3.28 8.56 -0.45
CA GLY A 229 4.54 8.11 -1.10
C GLY A 229 5.73 8.80 -0.47
N GLY A 230 6.96 8.41 -0.88
CA GLY A 230 7.20 7.70 -2.11
C GLY A 230 7.15 8.59 -3.37
N ASN A 231 7.70 8.09 -4.48
CA ASN A 231 7.68 8.86 -5.75
C ASN A 231 6.25 9.28 -6.13
N ASN A 232 5.26 8.46 -5.85
CA ASN A 232 3.87 8.76 -6.29
C ASN A 232 3.34 10.00 -5.62
N LEU A 233 3.99 10.53 -4.57
CA LEU A 233 3.56 11.84 -3.99
C LEU A 233 3.89 12.99 -4.95
N GLU A 234 5.03 12.86 -5.62
CA GLU A 234 5.75 14.03 -6.18
C GLU A 234 5.14 14.49 -7.52
N GLY A 235 4.61 13.61 -8.36
CA GLY A 235 4.24 13.97 -9.73
C GLY A 235 5.47 14.08 -10.61
N GLN A 236 5.21 14.17 -11.91
CA GLN A 236 6.28 14.42 -12.92
C GLN A 236 6.47 15.94 -13.04
N THR A 237 5.41 16.72 -12.70
CA THR A 237 5.38 18.19 -12.79
C THR A 237 4.53 18.72 -11.66
N THR A 238 4.66 19.99 -11.34
CA THR A 238 3.85 20.60 -10.27
C THR A 238 2.39 20.21 -10.48
N ALA A 239 1.92 20.29 -11.72
CA ALA A 239 0.48 20.15 -11.99
C ALA A 239 0.03 18.68 -11.75
N THR A 240 0.93 17.70 -11.83
CA THR A 240 0.56 16.28 -11.69
C THR A 240 0.90 15.71 -10.30
N ARG A 241 1.34 16.55 -9.35
CA ARG A 241 1.61 16.09 -7.96
C ARG A 241 0.34 15.46 -7.38
N TRP A 242 0.53 14.68 -6.32
CA TRP A 242 -0.64 14.29 -5.49
C TRP A 242 -1.21 15.50 -4.79
N GLN A 243 -2.55 15.63 -4.75
CA GLN A 243 -3.27 16.72 -4.06
C GLN A 243 -4.36 16.15 -3.18
N TRP A 244 -4.33 16.44 -1.89
CA TRP A 244 -5.23 15.77 -0.93
C TRP A 244 -6.71 16.03 -1.27
N ASN A 245 -7.01 17.20 -1.74
CA ASN A 245 -8.43 17.67 -1.80
C ASN A 245 -9.09 17.05 -3.04
N ALA A 246 -8.28 16.60 -3.99
CA ALA A 246 -8.79 15.93 -5.22
C ALA A 246 -9.14 14.46 -4.92
N THR A 247 -8.82 14.01 -3.70
CA THR A 247 -9.00 12.62 -3.26
C THR A 247 -10.12 12.44 -2.28
N VAL A 248 -10.90 13.47 -2.01
CA VAL A 248 -11.93 13.38 -0.96
CA VAL A 248 -11.93 13.43 -0.95
C VAL A 248 -13.25 13.80 -1.60
N GLY A 249 -14.33 13.30 -1.03
CA GLY A 249 -15.70 13.62 -1.45
C GLY A 249 -16.21 12.54 -2.42
N SER A 250 -17.33 12.80 -3.02
CA SER A 250 -17.96 11.90 -4.01
C SER A 250 -16.95 11.40 -5.04
N LEU A 251 -17.11 10.19 -5.54
CA LEU A 251 -16.20 9.72 -6.62
C LEU A 251 -16.41 10.59 -7.91
N LEU A 252 -17.62 11.14 -8.08
CA LEU A 252 -17.94 12.01 -9.23
C LEU A 252 -17.01 13.21 -9.21
N ASP A 253 -16.49 13.61 -8.03
CA ASP A 253 -15.75 14.88 -7.86
C ASP A 253 -14.24 14.64 -7.78
N ARG A 254 -13.77 13.44 -8.06
CA ARG A 254 -12.32 13.09 -7.98
C ARG A 254 -11.74 12.96 -9.39
N PRO A 255 -10.92 13.92 -9.85
CA PRO A 255 -10.51 13.91 -11.27
C PRO A 255 -9.44 12.87 -11.65
N GLY A 256 -8.83 12.28 -10.63
CA GLY A 256 -7.66 11.40 -10.85
C GLY A 256 -6.45 12.11 -11.27
N ARG A 257 -5.35 11.36 -11.47
CA ARG A 257 -4.12 12.01 -11.86
C ARG A 257 -3.22 10.96 -12.46
N VAL A 258 -2.41 11.35 -13.40
CA VAL A 258 -1.25 10.50 -13.85
C VAL A 258 -0.29 10.36 -12.70
N GLY A 259 -0.10 9.11 -12.26
CA GLY A 259 0.86 8.83 -11.19
C GLY A 259 2.26 8.67 -11.74
N ASP A 260 3.14 8.24 -10.89
CA ASP A 260 4.59 8.22 -11.17
C ASP A 260 5.11 6.89 -11.58
N TRP A 261 4.24 5.96 -11.97
CA TRP A 261 4.67 4.58 -12.31
C TRP A 261 3.99 4.08 -13.58
N GLY A 262 3.60 5.00 -14.48
CA GLY A 262 3.18 4.62 -15.84
C GLY A 262 1.68 4.56 -15.97
N TYR A 263 0.87 4.79 -14.93
CA TYR A 263 -0.58 4.58 -15.04
C TYR A 263 -1.31 5.68 -14.32
N VAL A 264 -2.54 5.83 -14.75
CA VAL A 264 -3.53 6.73 -14.13
C VAL A 264 -3.96 6.21 -12.76
N ASN A 265 -4.03 7.11 -11.80
CA ASN A 265 -4.64 6.83 -10.49
C ASN A 265 -6.03 7.45 -10.45
N THR A 266 -6.96 6.62 -10.10
CA THR A 266 -8.35 7.11 -9.92
C THR A 266 -8.45 8.10 -8.77
N ASP A 267 -7.66 7.94 -7.74
CA ASP A 267 -7.79 8.58 -6.40
C ASP A 267 -9.09 8.15 -5.69
N GLY A 268 -9.67 7.00 -6.06
CA GLY A 268 -10.73 6.35 -5.28
C GLY A 268 -10.22 5.91 -3.92
N LEU A 269 -8.95 5.52 -3.86
CA LEU A 269 -8.22 5.29 -2.59
C LEU A 269 -7.67 6.64 -2.14
N GLY A 270 -8.51 7.43 -1.49
CA GLY A 270 -8.16 8.80 -1.13
C GLY A 270 -7.90 8.99 0.36
N LEU A 271 -7.70 10.24 0.75
CA LEU A 271 -7.24 10.55 2.11
C LEU A 271 -8.20 9.91 3.12
N LEU A 272 -9.52 10.06 2.98
CA LEU A 272 -10.44 9.54 4.00
C LEU A 272 -10.40 8.01 4.04
N GLU A 273 -10.27 7.32 2.91
CA GLU A 273 -10.17 5.86 2.90
C GLU A 273 -8.86 5.41 3.56
N TYR A 274 -7.77 6.13 3.39
CA TYR A 274 -6.52 5.78 4.11
C TYR A 274 -6.78 5.89 5.61
N LEU A 275 -7.40 7.00 6.05
CA LEU A 275 -7.51 7.25 7.52
C LEU A 275 -8.46 6.20 8.10
N GLN A 276 -9.55 5.85 7.39
CA GLN A 276 -10.53 4.82 7.80
C GLN A 276 -9.81 3.47 7.95
N PHE A 277 -8.87 3.14 7.07
CA PHE A 277 -8.09 1.90 7.16
C PHE A 277 -7.21 1.91 8.42
N PHE A 278 -6.62 3.03 8.76
CA PHE A 278 -5.79 3.13 9.99
C PHE A 278 -6.65 2.89 11.22
N GLU A 279 -7.84 3.47 11.24
CA GLU A 279 -8.77 3.27 12.37
C GLU A 279 -9.11 1.78 12.49
N ASP A 280 -9.34 1.13 11.35
CA ASP A 280 -9.81 -0.29 11.31
C ASP A 280 -8.69 -1.26 11.73
N THR A 281 -7.43 -0.83 11.73
CA THR A 281 -6.27 -1.73 11.92
C THR A 281 -5.42 -1.34 13.13
N GLY A 282 -5.73 -0.21 13.77
CA GLY A 282 -4.90 0.33 14.85
C GLY A 282 -3.53 0.88 14.44
N MET A 283 -3.40 1.31 13.20
CA MET A 283 -2.15 1.94 12.70
C MET A 283 -2.29 3.45 12.90
N GLU A 284 -1.17 4.13 13.07
CA GLU A 284 -1.16 5.62 12.99
C GLU A 284 -0.48 6.01 11.69
N PRO A 285 -0.84 7.17 11.13
CA PRO A 285 -0.20 7.65 9.91
C PRO A 285 1.17 8.30 10.08
N ILE A 286 2.10 8.01 9.16
CA ILE A 286 3.25 8.89 8.90
C ILE A 286 2.98 9.53 7.51
N MET A 287 2.37 10.71 7.52
CA MET A 287 1.79 11.32 6.31
C MET A 287 2.77 12.28 5.67
N ALA A 288 3.04 12.08 4.37
CA ALA A 288 3.87 13.00 3.58
C ALA A 288 3.04 14.14 2.99
N VAL A 289 3.71 15.28 2.91
CA VAL A 289 3.18 16.49 2.22
C VAL A 289 4.12 16.83 1.10
N TRP A 290 3.55 17.18 -0.05
CA TRP A 290 4.35 17.66 -1.23
C TRP A 290 5.17 18.91 -0.82
N ALA A 291 6.40 19.00 -1.26
CA ALA A 291 7.34 20.02 -0.74
C ALA A 291 7.99 20.85 -1.84
N GLY A 292 7.37 20.98 -3.00
CA GLY A 292 7.82 21.92 -4.06
C GLY A 292 8.89 21.32 -4.96
N TYR A 293 8.92 20.00 -5.12
CA TYR A 293 9.78 19.30 -6.11
C TYR A 293 8.94 18.23 -6.80
N SER A 294 9.14 18.09 -8.12
CA SER A 294 8.48 17.01 -8.89
C SER A 294 9.56 16.28 -9.68
N LEU A 295 9.25 15.08 -10.17
CA LEU A 295 10.32 14.15 -10.62
C LEU A 295 10.88 14.50 -11.99
N GLY A 296 10.27 15.39 -12.73
CA GLY A 296 10.87 15.96 -13.95
C GLY A 296 11.99 16.93 -13.64
N GLY A 297 12.27 17.22 -12.38
CA GLY A 297 13.44 18.00 -11.97
C GLY A 297 13.14 19.43 -11.61
N THR A 298 11.88 19.91 -11.70
CA THR A 298 11.56 21.31 -11.39
C THR A 298 11.44 21.45 -9.87
N SER A 299 12.20 22.38 -9.27
CA SER A 299 11.95 22.88 -7.89
C SER A 299 11.15 24.15 -8.00
N LEU A 300 10.11 24.35 -7.19
CA LEU A 300 9.55 25.70 -7.07
C LEU A 300 10.60 26.63 -6.48
N ALA A 301 10.64 27.86 -6.97
CA ALA A 301 11.45 28.93 -6.34
C ALA A 301 10.94 29.20 -4.94
N GLU A 302 11.82 29.79 -4.14
CA GLU A 302 11.47 30.18 -2.76
C GLU A 302 10.23 31.07 -2.79
N ASN A 303 10.19 32.04 -3.72
CA ASN A 303 9.05 32.99 -3.78
C ASN A 303 7.80 32.42 -4.44
N GLN A 304 7.72 31.10 -4.69
CA GLN A 304 6.52 30.45 -5.27
C GLN A 304 5.83 29.54 -4.21
N LEU A 305 6.42 29.32 -3.04
CA LEU A 305 6.02 28.19 -2.13
C LEU A 305 4.69 28.44 -1.43
N ALA A 306 4.32 29.66 -1.15
CA ALA A 306 3.24 30.01 -0.21
C ALA A 306 1.99 29.18 -0.48
N PRO A 307 1.41 29.13 -1.69
CA PRO A 307 0.14 28.42 -1.89
C PRO A 307 0.23 26.93 -1.59
N TYR A 308 1.41 26.35 -1.82
CA TYR A 308 1.66 24.91 -1.64
C TYR A 308 1.85 24.61 -0.16
N ILE A 309 2.47 25.54 0.58
CA ILE A 309 2.52 25.46 2.04
C ILE A 309 1.09 25.52 2.61
N GLN A 310 0.26 26.39 2.08
CA GLN A 310 -1.11 26.48 2.58
C GLN A 310 -1.81 25.15 2.27
N GLN A 311 -1.62 24.60 1.08
CA GLN A 311 -2.29 23.31 0.76
C GLN A 311 -1.87 22.25 1.79
N ALA A 312 -0.57 22.19 2.14
CA ALA A 312 -0.10 21.24 3.16
C ALA A 312 -0.76 21.49 4.52
N ILE A 313 -1.01 22.74 4.89
CA ILE A 313 -1.74 23.05 6.15
C ILE A 313 -3.18 22.54 6.01
N ASP A 314 -3.79 22.71 4.84
CA ASP A 314 -5.19 22.29 4.61
C ASP A 314 -5.30 20.75 4.72
N GLN A 315 -4.28 20.04 4.20
CA GLN A 315 -4.22 18.56 4.21
C GLN A 315 -4.13 18.08 5.67
N ILE A 316 -3.31 18.74 6.49
CA ILE A 316 -3.19 18.31 7.91
C ILE A 316 -4.48 18.69 8.61
N ASN A 317 -5.01 19.86 8.36
CA ASN A 317 -6.32 20.24 8.99
C ASN A 317 -7.41 19.22 8.68
N PHE A 318 -7.51 18.73 7.46
CA PHE A 318 -8.48 17.66 7.18
C PHE A 318 -8.35 16.54 8.22
N VAL A 319 -7.10 16.12 8.47
CA VAL A 319 -6.87 14.98 9.38
C VAL A 319 -7.19 15.35 10.83
N ILE A 320 -6.68 16.46 11.35
CA ILE A 320 -6.69 16.67 12.83
C ILE A 320 -7.46 17.90 13.30
N GLY A 321 -7.88 18.78 12.41
CA GLY A 321 -8.27 20.13 12.77
C GLY A 321 -9.63 20.13 13.40
N ASP A 322 -9.91 21.15 14.18
CA ASP A 322 -11.27 21.37 14.75
C ASP A 322 -12.20 21.80 13.62
N PRO A 323 -13.37 21.14 13.42
CA PRO A 323 -14.26 21.46 12.31
C PRO A 323 -14.83 22.88 12.35
N ALA A 324 -14.78 23.53 13.51
CA ALA A 324 -15.28 24.92 13.66
C ALA A 324 -14.23 25.93 13.17
N LYS A 325 -12.98 25.51 12.89
CA LYS A 325 -11.83 26.44 12.76
C LYS A 325 -11.25 26.40 11.34
N SER A 326 -11.67 25.47 10.46
CA SER A 326 -11.14 25.44 9.08
C SER A 326 -12.12 24.72 8.17
N ALA A 327 -12.09 25.08 6.89
CA ALA A 327 -12.93 24.42 5.87
C ALA A 327 -12.55 22.94 5.74
N PRO A 328 -11.24 22.56 5.61
CA PRO A 328 -10.91 21.14 5.51
C PRO A 328 -11.34 20.27 6.70
N ALA A 329 -11.28 20.80 7.92
CA ALA A 329 -11.78 20.06 9.09
C ALA A 329 -13.34 19.98 9.07
N ALA A 330 -14.02 21.03 8.66
CA ALA A 330 -15.50 20.97 8.53
C ALA A 330 -15.85 19.91 7.46
N LEU A 331 -14.99 19.73 6.45
CA LEU A 331 -15.22 18.75 5.35
C LEU A 331 -15.11 17.34 5.93
N ARG A 332 -14.05 17.07 6.68
CA ARG A 332 -13.95 15.76 7.40
C ARG A 332 -15.23 15.51 8.20
N ALA A 333 -15.73 16.52 8.90
CA ALA A 333 -16.96 16.37 9.71
C ALA A 333 -18.15 16.03 8.81
N SER A 334 -18.27 16.74 7.71
CA SER A 334 -19.40 16.60 6.76
C SER A 334 -19.38 15.21 6.14
N LEU A 335 -18.18 14.58 6.01
CA LEU A 335 -18.06 13.23 5.44
C LEU A 335 -18.19 12.14 6.50
N GLY A 336 -18.72 12.48 7.69
CA GLY A 336 -19.12 11.52 8.73
C GLY A 336 -18.08 11.29 9.80
N HIS A 337 -17.02 12.10 9.87
CA HIS A 337 -15.98 11.88 10.89
C HIS A 337 -15.65 13.17 11.63
N PRO A 338 -16.55 13.72 12.48
CA PRO A 338 -16.28 14.97 13.18
C PRO A 338 -15.05 14.92 14.12
N GLU A 339 -14.74 13.76 14.68
CA GLU A 339 -13.63 13.61 15.63
C GLU A 339 -12.38 13.68 14.79
N PRO A 340 -11.34 14.37 15.26
CA PRO A 340 -10.08 14.28 14.56
C PRO A 340 -9.53 12.87 14.57
N PHE A 341 -8.69 12.58 13.58
CA PHE A 341 -7.81 11.40 13.54
C PHE A 341 -6.52 11.73 14.29
N THR A 342 -5.74 10.71 14.56
CA THR A 342 -4.37 10.77 15.14
C THR A 342 -3.41 11.11 14.01
N LEU A 343 -2.54 12.06 14.28
CA LEU A 343 -1.39 12.34 13.39
C LEU A 343 -0.28 12.97 14.23
N ARG A 344 0.88 12.28 14.26
CA ARG A 344 2.00 12.70 15.12
C ARG A 344 3.25 12.94 14.28
N PHE A 345 3.21 12.55 13.01
CA PHE A 345 4.43 12.55 12.17
C PHE A 345 4.04 12.98 10.76
N VAL A 346 4.77 13.96 10.23
CA VAL A 346 4.60 14.45 8.83
C VAL A 346 5.98 14.45 8.18
N GLU A 347 6.05 13.90 6.97
CA GLU A 347 7.29 13.82 6.20
C GLU A 347 7.22 14.94 5.13
N VAL A 348 8.27 15.73 5.05
CA VAL A 348 8.29 16.93 4.16
C VAL A 348 8.91 16.54 2.83
N GLY A 349 8.08 16.14 1.88
CA GLY A 349 8.57 15.69 0.55
C GLY A 349 8.85 14.20 0.52
N ASN A 350 9.63 13.78 -0.46
CA ASN A 350 10.09 12.41 -0.67
C ASN A 350 11.46 12.48 -1.29
N GLU A 351 12.44 11.87 -0.68
CA GLU A 351 13.78 11.63 -1.26
C GLU A 351 14.28 12.98 -1.81
N ASP A 352 14.30 14.00 -0.97
CA ASP A 352 14.74 15.33 -1.42
C ASP A 352 16.26 15.40 -1.53
N PHE A 353 17.00 14.34 -1.23
CA PHE A 353 18.42 14.19 -1.67
C PHE A 353 18.53 14.30 -3.20
N PHE A 354 17.47 14.09 -3.96
CA PHE A 354 17.50 14.34 -5.44
C PHE A 354 17.46 15.82 -5.78
N ALA A 355 17.07 16.68 -4.83
CA ALA A 355 16.95 18.14 -5.04
C ALA A 355 17.53 18.85 -3.82
N ALA A 356 18.78 18.55 -3.50
CA ALA A 356 19.42 18.99 -2.26
C ALA A 356 19.81 20.45 -2.38
N GLY A 357 19.82 21.03 -3.60
CA GLY A 357 20.12 22.45 -3.79
C GLY A 357 18.98 23.30 -3.30
N SER A 358 17.78 22.82 -3.53
CA SER A 358 16.55 23.57 -3.12
C SER A 358 15.99 23.14 -1.77
N TYR A 359 16.25 21.91 -1.34
CA TYR A 359 15.56 21.46 -0.12
C TYR A 359 15.85 22.36 1.08
N PRO A 360 17.04 22.97 1.25
CA PRO A 360 17.23 23.83 2.41
C PRO A 360 16.11 24.87 2.51
N TYR A 361 15.82 25.61 1.39
CA TYR A 361 14.78 26.65 1.47
C TYR A 361 13.39 26.07 1.54
N ARG A 362 13.14 24.96 0.86
CA ARG A 362 11.79 24.34 0.87
C ARG A 362 11.49 23.82 2.30
N TRP A 363 12.43 23.12 2.86
CA TRP A 363 12.34 22.60 4.27
C TRP A 363 12.16 23.74 5.22
N HIS A 364 12.99 24.79 5.09
CA HIS A 364 12.90 25.93 6.03
C HIS A 364 11.50 26.53 5.93
N ASP A 365 11.00 26.86 4.72
CA ASP A 365 9.72 27.59 4.67
C ASP A 365 8.58 26.65 5.05
N PHE A 366 8.58 25.42 4.56
CA PHE A 366 7.46 24.49 4.94
C PHE A 366 7.43 24.24 6.45
N VAL A 367 8.55 23.89 7.03
CA VAL A 367 8.53 23.48 8.47
C VAL A 367 8.30 24.69 9.40
N THR A 368 8.84 25.88 9.08
CA THR A 368 8.58 27.08 9.88
C THR A 368 7.05 27.25 9.92
N ALA A 369 6.38 27.18 8.76
CA ALA A 369 4.93 27.49 8.75
C ALA A 369 4.17 26.33 9.42
N LEU A 370 4.52 25.08 9.13
CA LEU A 370 3.74 23.91 9.59
C LEU A 370 3.95 23.73 11.10
N GLN A 371 5.17 23.93 11.60
CA GLN A 371 5.42 23.82 13.06
C GLN A 371 4.64 24.88 13.84
N ALA A 372 4.52 26.08 13.29
CA ALA A 372 3.73 27.19 13.88
C ALA A 372 2.26 26.82 14.00
N GLN A 373 1.70 26.15 12.97
CA GLN A 373 0.27 25.78 12.98
C GLN A 373 0.08 24.53 13.87
N PHE A 374 1.05 23.61 13.88
CA PHE A 374 0.92 22.25 14.46
C PHE A 374 2.08 21.96 15.39
N PRO A 375 2.10 22.60 16.57
CA PRO A 375 3.24 22.50 17.47
C PRO A 375 3.50 21.09 18.03
N GLN A 376 2.52 20.17 17.95
CA GLN A 376 2.70 18.80 18.47
C GLN A 376 3.21 17.85 17.39
N ILE A 377 3.21 18.21 16.09
CA ILE A 377 3.67 17.25 15.06
C ILE A 377 5.20 17.25 14.97
N ARG A 378 5.75 16.10 14.72
CA ARG A 378 7.20 15.89 14.43
C ARG A 378 7.40 15.79 12.93
N PHE A 379 8.19 16.70 12.41
CA PHE A 379 8.44 16.83 10.97
C PHE A 379 9.73 16.11 10.57
N ILE A 380 9.58 15.27 9.55
CA ILE A 380 10.71 14.40 9.11
C ILE A 380 11.30 15.02 7.85
N ALA A 381 12.64 15.10 7.81
CA ALA A 381 13.45 15.56 6.68
C ALA A 381 13.85 14.39 5.78
N THR A 382 13.94 14.61 4.48
CA THR A 382 14.11 13.54 3.49
C THR A 382 15.49 13.53 2.86
N THR A 383 16.26 14.61 3.01
CA THR A 383 17.66 14.60 2.53
C THR A 383 18.50 13.62 3.30
N ASN A 384 19.71 13.35 2.79
CA ASN A 384 20.66 12.56 3.59
C ASN A 384 20.95 13.24 4.92
N ALA A 385 21.08 12.47 6.01
CA ALA A 385 21.16 13.07 7.34
C ALA A 385 22.35 14.03 7.36
N TRP A 386 22.06 15.25 7.76
CA TRP A 386 23.05 16.32 8.10
C TRP A 386 23.80 16.87 6.89
N ASN A 387 23.48 16.45 5.66
CA ASN A 387 24.14 16.93 4.43
C ASN A 387 23.11 17.02 3.31
N PRO A 388 22.51 18.20 2.99
CA PRO A 388 22.93 19.50 3.51
C PRO A 388 22.39 19.83 4.90
N VAL A 389 22.98 20.85 5.53
CA VAL A 389 22.53 21.29 6.86
C VAL A 389 21.23 22.05 6.68
N LEU A 390 20.25 21.65 7.45
CA LEU A 390 18.89 22.24 7.40
C LEU A 390 18.63 23.10 8.59
N SER A 391 17.72 24.06 8.38
CA SER A 391 17.22 24.98 9.40
C SER A 391 15.73 25.08 9.17
N PRO A 392 14.85 24.89 10.18
CA PRO A 392 15.29 24.46 11.50
C PRO A 392 15.95 23.08 11.55
N VAL A 393 16.66 22.77 12.63
CA VAL A 393 17.35 21.47 12.83
C VAL A 393 16.26 20.38 12.83
N PRO A 394 16.33 19.40 11.91
CA PRO A 394 15.31 18.35 11.90
C PRO A 394 15.27 17.53 13.18
N GLN A 395 14.08 17.31 13.69
CA GLN A 395 13.93 16.34 14.83
C GLN A 395 14.04 14.92 14.34
N SER A 396 13.79 14.66 13.05
CA SER A 396 13.81 13.30 12.48
C SER A 396 14.26 13.32 11.03
N TYR A 397 14.95 12.27 10.61
CA TYR A 397 15.28 12.01 9.21
C TYR A 397 14.72 10.67 8.78
N ASP A 398 14.35 10.58 7.51
CA ASP A 398 13.90 9.33 6.84
C ASP A 398 15.14 8.84 6.08
N VAL A 399 15.58 7.65 6.37
CA VAL A 399 16.76 6.98 5.77
C VAL A 399 16.22 5.84 4.92
N HIS A 400 16.65 5.76 3.66
CA HIS A 400 16.26 4.68 2.75
C HIS A 400 17.51 3.90 2.37
N VAL A 401 17.38 2.58 2.18
CA VAL A 401 18.55 1.79 1.65
C VAL A 401 18.00 0.57 0.92
N TYR A 402 18.48 0.38 -0.30
CA TYR A 402 18.26 -0.79 -1.15
C TYR A 402 19.65 -1.39 -1.42
N GLN A 403 19.87 -2.63 -0.97
CA GLN A 403 21.24 -3.21 -1.04
C GLN A 403 21.18 -4.71 -1.16
N THR A 404 22.35 -5.36 -1.11
CA THR A 404 22.38 -6.84 -1.15
C THR A 404 22.02 -7.43 0.21
N PRO A 405 21.56 -8.70 0.25
CA PRO A 405 21.32 -9.38 1.51
C PRO A 405 22.55 -9.29 2.43
N THR A 406 23.74 -9.54 1.83
CA THR A 406 25.02 -9.48 2.57
C THR A 406 25.24 -8.08 3.18
N TRP A 407 24.99 -7.01 2.43
CA TRP A 407 25.14 -5.64 3.00
C TRP A 407 24.28 -5.52 4.25
N PHE A 408 23.08 -6.08 4.23
CA PHE A 408 22.18 -5.92 5.40
C PHE A 408 22.74 -6.56 6.68
N TYR A 409 23.34 -7.77 6.62
CA TYR A 409 23.91 -8.37 7.85
C TYR A 409 25.24 -7.68 8.19
N GLN A 410 25.97 -7.21 7.17
CA GLN A 410 27.25 -6.50 7.38
C GLN A 410 27.05 -5.11 7.98
N ASN A 411 25.81 -4.55 7.94
CA ASN A 411 25.51 -3.16 8.37
C ASN A 411 24.48 -3.16 9.48
N ALA A 412 24.36 -4.27 10.25
CA ALA A 412 23.44 -4.34 11.39
C ALA A 412 23.84 -3.37 12.53
N PHE A 413 25.04 -2.81 12.51
CA PHE A 413 25.54 -1.84 13.51
C PHE A 413 25.49 -0.43 12.92
N TYR A 414 24.68 -0.24 11.87
CA TYR A 414 24.52 1.08 11.20
C TYR A 414 24.29 2.18 12.24
N TYR A 415 23.35 1.99 13.17
CA TYR A 415 22.94 3.02 14.12
C TYR A 415 23.76 3.02 15.43
N ASP A 416 24.62 2.04 15.66
CA ASP A 416 25.30 1.92 16.99
C ASP A 416 26.20 3.16 17.26
N GLY A 417 26.86 3.67 16.22
CA GLY A 417 27.81 4.79 16.29
C GLY A 417 27.19 6.18 16.15
N PHE A 418 25.88 6.28 16.00
CA PHE A 418 25.18 7.58 15.94
C PHE A 418 25.21 8.24 17.33
N GLN A 419 25.32 9.54 17.32
CA GLN A 419 25.14 10.36 18.53
C GLN A 419 23.68 10.30 18.96
N ARG A 420 23.48 10.27 20.27
CA ARG A 420 22.14 10.43 20.89
C ARG A 420 21.93 11.88 21.27
N ASN A 421 21.34 12.66 20.37
CA ASN A 421 21.30 14.12 20.55
C ASN A 421 19.89 14.65 20.29
N GLY A 422 18.90 13.78 20.39
CA GLY A 422 17.49 14.20 20.33
C GLY A 422 16.91 13.94 18.91
N THR A 423 17.75 13.57 17.93
CA THR A 423 17.29 13.24 16.55
C THR A 423 16.78 11.81 16.58
N THR A 424 15.68 11.54 15.91
CA THR A 424 15.22 10.16 15.72
C THR A 424 15.21 9.84 14.25
N TYR A 425 15.33 8.57 13.93
CA TYR A 425 15.49 8.09 12.57
C TYR A 425 14.35 7.14 12.23
N PHE A 426 13.83 7.35 11.04
CA PHE A 426 12.84 6.49 10.35
C PHE A 426 13.54 5.76 9.22
N GLU A 427 13.59 4.43 9.25
CA GLU A 427 14.09 3.66 8.11
C GLU A 427 12.87 3.46 7.20
N GLY A 428 12.52 4.49 6.42
CA GLY A 428 11.18 4.56 5.82
C GLY A 428 11.06 3.68 4.56
N GLU A 429 12.21 3.21 4.01
CA GLU A 429 12.26 2.27 2.92
C GLU A 429 13.54 1.47 3.04
N TYR A 430 13.39 0.14 3.13
CA TYR A 430 14.60 -0.67 2.98
C TYR A 430 14.18 -2.00 2.38
N ALA A 431 15.16 -2.68 1.74
CA ALA A 431 14.92 -4.00 1.17
C ALA A 431 16.27 -4.50 0.66
N ALA A 432 16.46 -5.79 0.74
CA ALA A 432 17.58 -6.44 0.04
C ALA A 432 17.03 -6.82 -1.34
N ILE A 433 17.51 -6.16 -2.39
CA ILE A 433 16.81 -6.22 -3.70
C ILE A 433 17.56 -7.05 -4.73
N SER A 434 18.82 -7.41 -4.50
CA SER A 434 19.66 -7.98 -5.56
C SER A 434 20.87 -8.66 -4.90
N THR A 435 21.43 -9.66 -5.56
CA THR A 435 22.70 -10.29 -5.13
C THR A 435 23.88 -9.68 -5.85
N ASN A 436 23.66 -8.68 -6.70
CA ASN A 436 24.74 -8.12 -7.53
C ASN A 436 25.08 -6.72 -7.03
N ALA A 437 26.09 -6.61 -6.18
CA ALA A 437 26.61 -5.34 -5.61
C ALA A 437 26.96 -4.36 -6.74
N ASN A 438 27.31 -4.86 -7.93
CA ASN A 438 27.75 -4.04 -9.10
C ASN A 438 26.54 -3.41 -9.81
N ASP A 439 25.32 -3.90 -9.61
CA ASP A 439 24.17 -3.45 -10.42
C ASP A 439 22.88 -3.68 -9.64
N LEU A 440 22.71 -2.96 -8.54
CA LEU A 440 21.62 -3.25 -7.57
C LEU A 440 20.27 -3.11 -8.26
N PHE A 441 20.10 -2.18 -9.20
CA PHE A 441 18.76 -1.83 -9.72
C PHE A 441 18.59 -2.40 -11.13
N GLY A 442 19.37 -3.43 -11.46
CA GLY A 442 19.34 -4.08 -12.77
C GLY A 442 18.28 -5.14 -12.88
N THR A 443 18.49 -6.05 -13.82
CA THR A 443 17.51 -7.08 -14.20
C THR A 443 17.66 -8.33 -13.34
N VAL A 444 16.65 -9.18 -13.42
CA VAL A 444 16.66 -10.49 -12.73
C VAL A 444 17.81 -11.31 -13.30
N ALA A 445 18.04 -11.26 -14.63
CA ALA A 445 19.18 -12.01 -15.22
C ALA A 445 20.48 -11.51 -14.58
N ASP A 446 20.53 -10.25 -14.17
CA ASP A 446 21.76 -9.65 -13.57
C ASP A 446 21.66 -9.57 -12.03
N GLY A 447 20.85 -10.43 -11.41
CA GLY A 447 20.88 -10.66 -9.95
C GLY A 447 19.76 -9.99 -9.15
N ARG A 448 18.97 -9.16 -9.78
CA ARG A 448 17.78 -8.57 -9.12
C ARG A 448 16.86 -9.70 -8.66
N LEU A 449 16.21 -9.50 -7.50
CA LEU A 449 15.29 -10.54 -6.97
C LEU A 449 13.88 -10.27 -7.49
N ALA A 450 13.31 -11.28 -8.14
CA ALA A 450 11.94 -11.21 -8.62
C ALA A 450 11.01 -11.15 -7.44
N PHE A 451 11.33 -11.94 -6.42
CA PHE A 451 10.58 -12.03 -5.14
C PHE A 451 11.60 -12.10 -4.03
N PRO A 452 11.24 -11.68 -2.83
CA PRO A 452 12.12 -11.91 -1.66
C PRO A 452 12.53 -13.38 -1.52
N THR A 453 13.77 -13.65 -1.07
CA THR A 453 14.26 -15.02 -0.87
C THR A 453 14.48 -15.24 0.62
N VAL A 454 14.81 -16.47 0.99
CA VAL A 454 15.27 -16.72 2.36
C VAL A 454 16.52 -15.85 2.65
N GLN A 455 17.47 -15.83 1.73
CA GLN A 455 18.72 -15.04 1.85
C GLN A 455 18.39 -13.58 2.12
N SER A 456 17.43 -13.00 1.39
CA SER A 456 17.14 -11.55 1.48
C SER A 456 16.36 -11.25 2.79
N ALA A 457 15.47 -12.14 3.21
CA ALA A 457 14.66 -11.96 4.45
C ALA A 457 15.55 -12.10 5.68
N THR A 458 16.57 -12.97 5.61
CA THR A 458 17.41 -13.26 6.77
C THR A 458 18.46 -12.12 6.92
N GLY A 459 19.00 -11.62 5.80
CA GLY A 459 19.82 -10.39 5.82
C GLY A 459 19.06 -9.22 6.42
N GLU A 460 17.85 -9.00 5.92
CA GLU A 460 16.96 -7.98 6.47
C GLU A 460 16.82 -8.15 7.97
N ALA A 461 16.47 -9.34 8.40
CA ALA A 461 16.24 -9.62 9.84
C ALA A 461 17.49 -9.27 10.63
N ALA A 462 18.71 -9.61 10.16
CA ALA A 462 19.90 -9.22 10.90
C ALA A 462 19.96 -7.69 11.06
N PHE A 463 19.71 -6.96 9.98
CA PHE A 463 19.69 -5.50 10.04
C PHE A 463 18.61 -4.99 11.02
N MET A 464 17.48 -5.66 11.05
CA MET A 464 16.35 -5.24 11.90
C MET A 464 16.70 -5.49 13.40
N THR A 465 17.55 -6.47 13.72
CA THR A 465 18.01 -6.63 15.14
C THR A 465 18.78 -5.36 15.54
N GLY A 466 19.55 -4.77 14.60
CA GLY A 466 20.21 -3.48 14.88
C GLY A 466 19.17 -2.36 15.09
N LEU A 467 18.19 -2.25 14.20
CA LEU A 467 17.11 -1.26 14.40
C LEU A 467 16.52 -1.38 15.80
N GLU A 468 16.26 -2.61 16.25
CA GLU A 468 15.60 -2.81 17.57
C GLU A 468 16.59 -2.42 18.71
N ARG A 469 17.87 -2.86 18.60
CA ARG A 469 18.90 -2.52 19.60
C ARG A 469 19.04 -0.98 19.70
N ASN A 470 18.92 -0.30 18.56
CA ASN A 470 19.15 1.15 18.43
C ASN A 470 17.83 1.91 18.47
N SER A 471 16.79 1.29 18.96
CA SER A 471 15.44 1.88 19.01
C SER A 471 15.28 3.02 19.99
N ASP A 472 16.30 3.33 20.76
CA ASP A 472 16.36 4.62 21.48
C ASP A 472 16.32 5.78 20.47
N ILE A 473 16.94 5.61 19.31
CA ILE A 473 16.96 6.68 18.24
C ILE A 473 16.22 6.25 16.99
N VAL A 474 16.06 4.94 16.70
CA VAL A 474 15.24 4.51 15.54
C VAL A 474 13.80 4.36 16.01
N PHE A 475 12.91 5.18 15.51
CA PHE A 475 11.51 5.17 16.01
C PHE A 475 10.56 4.31 15.16
N ALA A 476 10.97 4.02 13.91
CA ALA A 476 10.07 3.45 12.86
C ALA A 476 10.87 2.91 11.71
N ALA A 477 10.35 1.82 11.11
CA ALA A 477 11.04 1.14 10.02
C ALA A 477 10.07 0.36 9.16
N SER A 478 10.13 0.54 7.85
CA SER A 478 9.23 -0.13 6.89
C SER A 478 10.01 -0.64 5.68
N TYR A 479 9.68 -1.86 5.29
CA TYR A 479 10.16 -2.49 4.04
C TYR A 479 9.54 -1.71 2.87
N ALA A 480 10.16 -1.67 1.74
CA ALA A 480 9.48 -1.10 0.54
C ALA A 480 9.92 -1.77 -0.72
N PRO A 481 9.06 -1.91 -1.75
CA PRO A 481 7.64 -1.56 -1.65
C PRO A 481 6.84 -2.69 -0.97
N LEU A 482 5.62 -2.33 -0.52
CA LEU A 482 4.77 -3.22 0.23
C LEU A 482 4.08 -4.24 -0.71
N LEU A 483 3.52 -3.80 -1.82
CA LEU A 483 2.58 -4.58 -2.61
C LEU A 483 2.98 -4.65 -4.07
N GLN A 484 2.54 -5.74 -4.70
CA GLN A 484 2.82 -5.98 -6.11
C GLN A 484 1.74 -6.78 -6.82
N HIS A 485 1.12 -6.16 -7.83
CA HIS A 485 0.28 -6.91 -8.80
C HIS A 485 1.26 -7.64 -9.73
N VAL A 486 1.20 -8.95 -9.73
CA VAL A 486 2.22 -9.71 -10.51
C VAL A 486 2.01 -9.49 -12.03
N ASN A 487 0.85 -8.98 -12.44
CA ASN A 487 0.58 -8.67 -13.88
C ASN A 487 0.95 -7.24 -14.26
N SER A 488 1.40 -6.40 -13.33
CA SER A 488 1.79 -5.01 -13.64
C SER A 488 2.81 -4.56 -12.61
N THR A 489 4.06 -4.98 -12.83
CA THR A 489 5.18 -4.73 -11.94
C THR A 489 6.10 -3.62 -12.50
N GLN A 490 6.46 -2.63 -11.67
CA GLN A 490 7.46 -1.57 -11.99
C GLN A 490 8.70 -1.73 -11.09
N TRP A 491 8.60 -2.50 -10.00
CA TRP A 491 9.70 -2.67 -9.04
C TRP A 491 9.57 -4.00 -8.33
N THR A 492 10.65 -4.76 -8.30
CA THR A 492 10.81 -5.96 -7.47
C THR A 492 12.06 -5.86 -6.61
N PRO A 493 12.18 -6.59 -5.47
CA PRO A 493 11.13 -7.41 -4.88
C PRO A 493 10.17 -6.57 -4.04
N ASP A 494 9.06 -7.18 -3.73
CA ASP A 494 7.93 -6.55 -2.99
C ASP A 494 7.59 -7.46 -1.79
N LEU A 495 6.95 -6.86 -0.79
CA LEU A 495 6.71 -7.63 0.46
C LEU A 495 5.55 -8.63 0.25
N VAL A 496 4.50 -8.26 -0.46
CA VAL A 496 3.29 -9.08 -0.65
C VAL A 496 2.91 -8.93 -2.12
N SER A 497 2.65 -10.03 -2.81
CA SER A 497 2.28 -9.98 -4.21
C SER A 497 0.88 -10.59 -4.36
N TYR A 498 0.26 -10.38 -5.49
CA TYR A 498 -1.10 -10.88 -5.71
C TYR A 498 -1.42 -10.80 -7.19
N ASP A 499 -2.44 -11.56 -7.59
CA ASP A 499 -3.10 -11.39 -8.88
C ASP A 499 -4.52 -11.02 -8.57
N ALA A 500 -5.39 -11.17 -9.56
CA ALA A 500 -6.78 -10.74 -9.28
C ALA A 500 -7.42 -11.69 -8.25
N GLY A 501 -6.85 -12.87 -8.02
CA GLY A 501 -7.52 -13.93 -7.25
C GLY A 501 -6.94 -14.24 -5.88
N SER A 502 -5.62 -14.10 -5.71
CA SER A 502 -4.99 -14.60 -4.48
C SER A 502 -3.70 -13.83 -4.18
N VAL A 503 -3.20 -14.05 -2.98
CA VAL A 503 -2.11 -13.28 -2.36
C VAL A 503 -0.94 -14.23 -2.16
N ILE A 504 0.23 -13.67 -2.21
CA ILE A 504 1.47 -14.42 -1.98
C ILE A 504 2.21 -13.65 -0.88
N LYS A 505 2.41 -14.29 0.28
CA LYS A 505 3.16 -13.71 1.43
C LYS A 505 4.62 -14.09 1.27
N SER A 506 5.50 -13.09 1.14
CA SER A 506 6.91 -13.39 0.84
C SER A 506 7.66 -13.85 2.10
N THR A 507 8.88 -14.36 1.91
CA THR A 507 9.76 -14.62 3.03
C THR A 507 9.98 -13.35 3.88
N SER A 508 10.12 -12.21 3.22
CA SER A 508 10.40 -10.94 3.92
C SER A 508 9.12 -10.50 4.67
N PHE A 509 7.97 -10.91 4.18
CA PHE A 509 6.70 -10.59 4.88
C PHE A 509 6.76 -11.33 6.25
N PHE A 510 7.14 -12.58 6.21
CA PHE A 510 7.23 -13.39 7.44
C PHE A 510 8.28 -12.82 8.38
N ALA A 511 9.44 -12.39 7.89
CA ALA A 511 10.41 -11.72 8.78
C ALA A 511 9.81 -10.47 9.41
N GLN A 512 9.13 -9.66 8.64
CA GLN A 512 8.45 -8.46 9.16
C GLN A 512 7.43 -8.83 10.24
N LYS A 513 6.65 -9.87 10.01
CA LYS A 513 5.56 -10.28 10.90
C LYS A 513 6.18 -10.87 12.20
N LEU A 514 7.29 -11.63 12.10
CA LEU A 514 7.87 -12.24 13.30
C LEU A 514 8.46 -11.12 14.16
N PHE A 515 9.01 -10.06 13.54
CA PHE A 515 9.63 -8.97 14.33
C PHE A 515 8.52 -8.17 15.02
N ALA A 516 7.49 -7.86 14.27
CA ALA A 516 6.43 -6.95 14.73
C ALA A 516 5.54 -7.58 15.76
N LEU A 517 5.20 -8.86 15.61
CA LEU A 517 4.19 -9.47 16.50
C LEU A 517 4.84 -9.86 17.83
N ASN A 518 6.16 -9.94 17.86
CA ASN A 518 6.90 -10.52 19.02
C ASN A 518 7.85 -9.44 19.55
N LYS A 519 7.28 -8.39 20.11
CA LYS A 519 8.03 -7.15 20.47
C LYS A 519 7.52 -6.60 21.81
N GLY A 520 8.41 -6.55 22.81
CA GLY A 520 8.07 -5.95 24.10
C GLY A 520 8.31 -4.45 24.14
N ASP A 521 7.91 -3.81 25.23
CA ASP A 521 8.13 -2.37 25.45
C ASP A 521 9.52 -2.08 26.05
N GLN A 522 10.25 -3.11 26.53
CA GLN A 522 11.53 -2.93 27.20
C GLN A 522 12.58 -3.54 26.29
N TYR A 523 13.68 -2.86 26.01
CA TYR A 523 14.88 -3.41 25.35
C TYR A 523 15.79 -3.95 26.42
N LEU A 524 16.15 -5.25 26.33
CA LEU A 524 17.04 -5.91 27.30
C LEU A 524 18.39 -6.09 26.63
N PRO A 525 19.40 -5.34 27.10
CA PRO A 525 20.73 -5.49 26.55
C PRO A 525 21.20 -6.91 26.65
N SER A 526 22.06 -7.31 25.70
CA SER A 526 22.64 -8.66 25.70
C SER A 526 24.03 -8.55 25.13
N THR A 527 24.80 -9.60 25.28
CA THR A 527 26.09 -9.80 24.60
C THR A 527 25.90 -9.31 23.16
N LEU A 528 26.82 -8.48 22.67
CA LEU A 528 26.69 -7.95 21.32
C LEU A 528 27.03 -9.04 20.32
N PRO A 529 26.26 -9.12 19.20
CA PRO A 529 26.70 -9.84 18.03
C PRO A 529 28.04 -9.35 17.48
N THR A 530 28.75 -10.21 16.76
CA THR A 530 29.98 -9.81 16.05
C THR A 530 29.59 -8.82 14.93
N ASN A 531 30.13 -7.61 14.98
CA ASN A 531 29.97 -6.57 13.93
C ASN A 531 30.59 -7.06 12.64
N GLY A 532 29.79 -7.27 11.60
CA GLY A 532 30.28 -7.83 10.32
C GLY A 532 29.89 -9.29 10.14
N GLY A 533 29.44 -9.93 11.22
CA GLY A 533 29.12 -11.37 11.24
C GLY A 533 27.74 -11.67 10.68
N THR A 534 27.43 -12.96 10.56
CA THR A 534 26.16 -13.43 9.95
C THR A 534 25.09 -13.66 10.99
N LEU A 535 25.47 -13.69 12.27
CA LEU A 535 24.56 -14.08 13.36
C LEU A 535 24.26 -12.88 14.25
N HIS A 536 22.97 -12.57 14.43
CA HIS A 536 22.49 -11.36 15.11
C HIS A 536 21.27 -11.70 15.95
N TRP A 537 21.07 -10.95 17.02
CA TRP A 537 19.90 -11.14 17.90
C TRP A 537 19.54 -9.85 18.60
N SER A 538 18.30 -9.78 19.03
CA SER A 538 17.73 -8.64 19.76
C SER A 538 16.67 -9.18 20.74
N ILE A 539 16.69 -8.70 21.99
CA ILE A 539 15.77 -9.20 23.03
C ILE A 539 14.97 -8.06 23.61
N THR A 540 13.67 -8.23 23.61
CA THR A 540 12.72 -7.30 24.23
C THR A 540 11.86 -8.02 25.26
N ARG A 541 11.15 -7.25 26.10
CA ARG A 541 10.28 -7.85 27.11
C ARG A 541 9.05 -6.98 27.30
N ALA A 542 7.91 -7.59 27.51
CA ALA A 542 6.63 -6.91 27.82
C ALA A 542 6.52 -6.69 29.34
N SER A 543 6.58 -5.44 29.78
CA SER A 543 6.67 -5.08 31.21
C SER A 543 5.44 -5.64 31.95
N SER A 544 4.29 -5.74 31.27
CA SER A 544 2.98 -6.02 31.91
C SER A 544 2.82 -7.53 32.15
N SER A 545 3.55 -8.36 31.39
CA SER A 545 3.32 -9.82 31.33
C SER A 545 4.60 -10.61 31.62
N GLY A 546 5.77 -10.03 31.39
CA GLY A 546 7.08 -10.71 31.38
C GLY A 546 7.36 -11.55 30.17
N LYS A 547 6.49 -11.55 29.17
CA LYS A 547 6.78 -12.21 27.86
C LYS A 547 8.04 -11.56 27.29
N THR A 548 9.01 -12.37 26.96
CA THR A 548 10.39 -12.02 26.59
C THR A 548 10.66 -12.66 25.22
N PHE A 549 11.03 -11.83 24.26
CA PHE A 549 11.12 -12.19 22.83
C PHE A 549 12.56 -12.11 22.38
N ILE A 550 13.11 -13.25 22.12
CA ILE A 550 14.49 -13.44 21.68
C ILE A 550 14.49 -13.65 20.17
N LYS A 551 14.86 -12.61 19.42
CA LYS A 551 14.80 -12.66 17.93
C LYS A 551 16.22 -12.94 17.44
N ILE A 552 16.37 -13.91 16.59
CA ILE A 552 17.69 -14.41 16.14
C ILE A 552 17.66 -14.49 14.61
N ALA A 553 18.63 -13.85 13.95
CA ALA A 553 18.79 -13.92 12.49
C ALA A 553 20.13 -14.60 12.21
N ASN A 554 20.10 -15.71 11.51
CA ASN A 554 21.35 -16.31 10.93
C ASN A 554 21.23 -16.04 9.43
N ALA A 555 21.99 -15.04 8.96
CA ALA A 555 21.93 -14.58 7.56
C ALA A 555 23.01 -15.26 6.72
N GLY A 556 23.64 -16.28 7.27
CA GLY A 556 24.79 -16.95 6.64
C GLY A 556 24.50 -18.41 6.32
N SER A 557 25.51 -19.09 5.76
CA SER A 557 25.37 -20.41 5.15
C SER A 557 25.71 -21.49 6.19
N SER A 558 26.15 -21.12 7.38
CA SER A 558 26.56 -22.03 8.46
C SER A 558 25.49 -21.98 9.58
N ALA A 559 25.09 -23.14 10.10
CA ALA A 559 24.36 -23.24 11.37
C ALA A 559 25.25 -22.69 12.49
N GLN A 560 24.64 -22.05 13.46
CA GLN A 560 25.38 -21.49 14.65
C GLN A 560 24.65 -21.75 15.95
N SER A 561 25.37 -22.23 16.96
CA SER A 561 24.82 -22.51 18.28
C SER A 561 24.82 -21.26 19.16
N LEU A 562 23.71 -20.98 19.84
CA LEU A 562 23.65 -19.97 20.88
C LEU A 562 23.23 -20.64 22.20
N THR A 563 23.90 -20.29 23.29
CA THR A 563 23.49 -20.64 24.67
C THR A 563 23.07 -19.35 25.36
N PHE A 564 21.80 -19.26 25.73
CA PHE A 564 21.27 -18.10 26.46
C PHE A 564 21.44 -18.31 27.97
N GLN A 565 21.89 -17.27 28.66
CA GLN A 565 22.07 -17.22 30.13
C GLN A 565 21.17 -16.13 30.67
N LEU A 566 20.12 -16.50 31.39
CA LEU A 566 19.06 -15.65 32.00
C LEU A 566 19.17 -15.74 33.55
N THR A 567 20.38 -16.01 34.02
CA THR A 567 20.73 -16.16 35.48
C THR A 567 20.36 -14.87 36.26
N GLN A 568 20.30 -13.71 35.63
CA GLN A 568 20.03 -12.43 36.35
C GLN A 568 18.54 -12.35 36.72
N PHE A 569 17.70 -13.12 36.06
CA PHE A 569 16.25 -13.17 36.39
C PHE A 569 16.03 -14.00 37.67
N ASN A 570 14.93 -13.68 38.36
CA ASN A 570 14.38 -14.44 39.53
C ASN A 570 13.78 -15.73 38.98
N SER A 571 12.89 -15.65 37.97
CA SER A 571 12.21 -16.82 37.33
C SER A 571 12.27 -16.77 35.80
N VAL A 572 12.40 -17.93 35.18
CA VAL A 572 12.23 -18.10 33.72
C VAL A 572 11.31 -19.29 33.51
N SER A 573 10.33 -19.18 32.63
CA SER A 573 9.38 -20.29 32.34
C SER A 573 10.18 -21.52 31.91
N SER A 574 9.63 -22.68 32.27
CA SER A 574 10.33 -23.97 31.99
C SER A 574 10.16 -24.40 30.53
N THR A 575 9.24 -23.80 29.82
CA THR A 575 9.10 -23.98 28.36
C THR A 575 8.98 -22.61 27.71
N GLY A 576 9.27 -22.59 26.42
CA GLY A 576 9.02 -21.43 25.57
C GLY A 576 8.48 -21.84 24.22
N THR A 577 8.09 -20.87 23.41
CA THR A 577 7.71 -21.15 22.00
C THR A 577 8.90 -20.82 21.11
N LEU A 578 9.00 -21.56 20.03
CA LEU A 578 9.93 -21.28 18.95
C LEU A 578 9.12 -21.07 17.67
N GLN A 579 9.39 -19.97 17.00
CA GLN A 579 8.89 -19.70 15.64
C GLN A 579 10.09 -19.55 14.72
N VAL A 580 10.14 -20.34 13.65
CA VAL A 580 11.32 -20.35 12.77
C VAL A 580 10.85 -20.25 11.31
N LEU A 581 11.51 -19.34 10.61
CA LEU A 581 11.42 -19.17 9.13
C LEU A 581 12.76 -19.57 8.55
N THR A 582 12.76 -20.57 7.72
CA THR A 582 14.07 -21.06 7.14
C THR A 582 13.78 -21.79 5.83
N GLY A 583 14.84 -22.09 5.11
CA GLY A 583 14.68 -22.81 3.85
C GLY A 583 15.98 -22.70 3.08
N PRO A 584 15.99 -23.17 1.82
CA PRO A 584 17.19 -22.97 1.00
C PRO A 584 17.42 -21.46 0.77
N GLU A 585 18.67 -21.11 0.60
CA GLU A 585 19.18 -19.73 0.44
C GLU A 585 18.31 -18.96 -0.58
N THR A 586 18.07 -19.56 -1.75
CA THR A 586 17.45 -18.79 -2.88
C THR A 586 15.96 -19.07 -2.99
N ALA A 587 15.37 -19.77 -2.00
CA ALA A 587 13.93 -20.12 -2.04
C ALA A 587 13.07 -18.88 -1.86
N SER A 588 11.98 -18.85 -2.60
CA SER A 588 10.98 -17.76 -2.63
C SER A 588 9.61 -18.35 -2.57
N ASN A 589 8.65 -17.58 -2.08
CA ASN A 589 7.26 -17.85 -2.35
C ASN A 589 6.89 -17.17 -3.67
N THR A 590 6.28 -17.92 -4.58
CA THR A 590 5.97 -17.45 -5.95
C THR A 590 4.52 -17.74 -6.26
N PRO A 591 3.94 -17.17 -7.35
CA PRO A 591 2.55 -17.49 -7.67
C PRO A 591 2.35 -19.01 -7.84
N GLU A 592 3.38 -19.72 -8.34
CA GLU A 592 3.28 -21.15 -8.65
C GLU A 592 3.48 -21.99 -7.36
N ALA A 593 4.23 -21.48 -6.37
CA ALA A 593 4.49 -22.14 -5.08
C ALA A 593 4.36 -21.13 -3.97
N PRO A 594 3.13 -20.67 -3.66
CA PRO A 594 3.00 -19.58 -2.72
C PRO A 594 3.25 -19.87 -1.24
N GLN A 595 3.32 -21.18 -0.90
CA GLN A 595 3.57 -21.60 0.49
C GLN A 595 4.85 -22.41 0.54
N ALA A 596 5.80 -22.16 -0.35
CA ALA A 596 7.07 -22.92 -0.32
C ALA A 596 7.77 -22.69 1.03
N ILE A 597 7.78 -21.46 1.56
CA ILE A 597 8.52 -21.09 2.78
C ILE A 597 7.54 -20.47 3.76
N VAL A 598 7.24 -21.14 4.87
CA VAL A 598 6.31 -20.59 5.88
C VAL A 598 6.88 -20.90 7.24
N PRO A 599 6.57 -20.07 8.24
CA PRO A 599 7.12 -20.25 9.57
C PRO A 599 6.53 -21.51 10.23
N LYS A 600 7.30 -22.11 11.13
CA LYS A 600 6.94 -23.33 11.92
C LYS A 600 7.04 -23.00 13.41
N THR A 601 5.99 -23.29 14.16
CA THR A 601 5.89 -23.05 15.60
C THR A 601 6.03 -24.37 16.36
N SER A 602 6.75 -24.35 17.46
CA SER A 602 6.96 -25.54 18.31
C SER A 602 7.20 -25.08 19.75
N THR A 603 7.29 -26.04 20.66
CA THR A 603 7.57 -25.83 22.08
C THR A 603 8.98 -26.33 22.32
N ILE A 604 9.77 -25.54 23.04
CA ILE A 604 11.13 -25.94 23.45
C ILE A 604 11.25 -25.80 24.98
N GLY A 605 12.23 -26.50 25.49
CA GLY A 605 12.57 -26.41 26.91
C GLY A 605 13.43 -25.21 27.18
N THR A 606 13.12 -24.50 28.24
N THR A 606 13.11 -24.50 28.25
CA THR A 606 13.83 -23.24 28.56
CA THR A 606 13.80 -23.24 28.58
C THR A 606 14.08 -23.18 30.06
C THR A 606 13.96 -23.14 30.09
N GLY A 607 14.57 -22.04 30.52
CA GLY A 607 14.98 -21.87 31.89
C GLY A 607 16.10 -20.87 31.90
N LYS A 608 16.86 -20.83 32.96
CA LYS A 608 17.95 -19.86 33.11
C LYS A 608 19.11 -20.18 32.18
N THR A 609 19.17 -21.39 31.62
CA THR A 609 20.16 -21.68 30.57
C THR A 609 19.50 -22.61 29.53
N PHE A 610 19.69 -22.34 28.24
CA PHE A 610 19.22 -23.24 27.17
C PHE A 610 20.03 -22.96 25.94
N THR A 611 20.12 -23.95 25.08
CA THR A 611 20.91 -23.89 23.85
C THR A 611 20.03 -24.10 22.63
N TYR A 612 20.16 -23.21 21.65
CA TYR A 612 19.46 -23.26 20.35
C TYR A 612 20.51 -23.30 19.24
N ASN A 613 20.31 -24.17 18.27
CA ASN A 613 21.14 -24.19 17.03
C ASN A 613 20.35 -23.41 15.97
N ALA A 614 20.82 -22.21 15.63
CA ALA A 614 20.18 -21.37 14.59
C ALA A 614 20.56 -21.90 13.21
N PRO A 615 19.62 -22.51 12.44
CA PRO A 615 20.03 -23.05 11.15
C PRO A 615 20.55 -21.94 10.22
N ALA A 616 21.40 -22.34 9.26
CA ALA A 616 21.76 -21.47 8.12
C ALA A 616 20.48 -20.81 7.61
N PHE A 617 20.55 -19.52 7.23
CA PHE A 617 19.46 -18.77 6.56
C PHE A 617 18.17 -18.98 7.36
N SER A 618 18.18 -18.53 8.60
CA SER A 618 16.95 -18.59 9.41
C SER A 618 16.66 -17.33 10.17
N VAL A 619 15.37 -17.10 10.41
CA VAL A 619 14.84 -16.13 11.39
C VAL A 619 14.08 -16.90 12.47
N SER A 620 14.45 -16.70 13.73
CA SER A 620 13.86 -17.50 14.83
C SER A 620 13.41 -16.53 15.92
N VAL A 621 12.26 -16.78 16.51
CA VAL A 621 11.80 -16.09 17.71
C VAL A 621 11.53 -17.11 18.81
N ILE A 622 12.21 -16.93 19.95
CA ILE A 622 12.00 -17.77 21.17
C ILE A 622 11.30 -16.84 22.16
N THR A 623 10.12 -17.22 22.58
CA THR A 623 9.34 -16.50 23.57
C THR A 623 9.35 -17.31 24.88
N VAL A 624 9.76 -16.66 25.96
CA VAL A 624 9.71 -17.22 27.35
C VAL A 624 9.09 -16.17 28.25
N THR A 625 8.70 -16.55 29.47
CA THR A 625 8.27 -15.58 30.48
C THR A 625 9.38 -15.38 31.52
N THR A 626 9.73 -14.13 31.81
CA THR A 626 10.79 -13.78 32.78
C THR A 626 10.25 -12.83 33.82
N ASN A 627 10.71 -13.02 35.06
CA ASN A 627 10.38 -12.10 36.18
C ASN A 627 11.61 -12.05 37.09
C1 NAG B . 23.55 14.80 16.18
C2 NAG B . 23.67 16.28 15.73
C3 NAG B . 24.09 16.40 14.30
C4 NAG B . 25.38 15.65 14.12
C5 NAG B . 25.22 14.18 14.61
C6 NAG B . 26.56 13.40 14.55
C7 NAG B . 22.06 17.67 16.92
C8 NAG B . 20.60 18.08 17.03
N2 NAG B . 22.37 16.90 15.92
O3 NAG B . 24.31 17.77 13.95
O4 NAG B . 25.71 15.52 12.77
O5 NAG B . 24.80 14.14 15.99
O6 NAG B . 27.66 14.15 15.14
O7 NAG B . 22.89 17.96 17.76
H1 NAG B . 22.79 14.32 15.55
H2 NAG B . 24.42 16.78 16.35
H3 NAG B . 23.33 15.96 13.66
H4 NAG B . 26.17 16.14 14.69
H5 NAG B . 24.48 13.67 13.98
H61 NAG B . 26.78 13.17 13.50
H62 NAG B . 26.46 12.45 15.07
H81 NAG B . 20.00 17.22 17.19
H82 NAG B . 20.47 18.75 17.84
H83 NAG B . 20.31 18.56 16.14
HN2 NAG B . 21.65 16.66 15.25
HO3 NAG B . 24.60 17.81 13.00
HO6 NAG B . 28.45 13.61 15.01
C1 NAG B . 26.65 16.40 12.24
C2 NAG B . 27.31 15.71 11.06
C3 NAG B . 28.27 16.68 10.35
C4 NAG B . 27.53 17.97 9.93
C5 NAG B . 26.88 18.54 11.21
C6 NAG B . 26.01 19.76 10.95
C7 NAG B . 27.83 13.35 11.05
C8 NAG B . 28.73 12.24 11.52
N2 NAG B . 28.05 14.56 11.50
O3 NAG B . 28.93 15.99 9.23
O4 NAG B . 28.44 18.94 9.20
O5 NAG B . 25.98 17.57 11.77
O6 NAG B . 25.06 20.16 11.99
O7 NAG B . 26.93 13.12 10.28
H1 NAG B . 27.42 16.65 12.97
H2 NAG B . 26.53 15.42 10.36
H3 NAG B . 29.04 16.97 11.08
H4 NAG B . 26.73 17.68 9.25
H5 NAG B . 27.67 18.79 11.94
H61 NAG B . 25.45 19.57 10.04
H62 NAG B . 26.67 20.61 10.74
H81 NAG B . 28.67 12.18 12.57
H82 NAG B . 28.42 11.33 11.08
H83 NAG B . 29.72 12.45 11.23
HN2 NAG B . 28.81 14.71 12.15
HO3 NAG B . 29.54 16.62 8.84
HO4 NAG B . 27.79 19.68 9.00
HO6 NAG B . 24.57 20.93 11.69
C1 NAG C . -0.68 -12.81 -14.41
C2 NAG C . -0.87 -13.41 -15.83
C3 NAG C . -0.92 -14.93 -15.71
C4 NAG C . 0.22 -15.49 -14.88
C5 NAG C . 0.33 -14.78 -13.52
C6 NAG C . 1.48 -15.13 -12.55
C7 NAG C . -2.25 -12.17 -17.49
C8 NAG C . -3.62 -11.73 -17.97
N2 NAG C . -2.15 -12.93 -16.38
O3 NAG C . -1.02 -15.53 -17.00
O4 NAG C . -0.09 -16.88 -14.60
O5 NAG C . 0.48 -13.42 -13.81
O6 NAG C . 2.74 -15.00 -13.26
O7 NAG C . -1.26 -11.86 -18.04
H1 NAG C . -1.56 -13.07 -13.80
H2 NAG C . -0.03 -13.12 -16.47
H3 NAG C . -1.85 -15.17 -15.17
H4 NAG C . 1.17 -15.37 -15.44
H5 NAG C . -0.61 -14.95 -12.98
H61 NAG C . 1.36 -16.15 -12.19
H62 NAG C . 1.46 -14.45 -11.69
H81 NAG C . -4.09 -11.16 -17.21
H82 NAG C . -3.51 -11.13 -18.83
H83 NAG C . -4.20 -12.58 -18.19
HN2 NAG C . -3.00 -13.19 -15.89
HO3 NAG C . -1.15 -16.48 -16.91
HO6 NAG C . 3.46 -15.25 -12.65
C1 NAG C . 1.06 -17.65 -14.94
C2 NAG C . 0.88 -19.09 -14.44
C3 NAG C . 2.08 -19.93 -14.92
C4 NAG C . 2.41 -19.78 -16.43
C5 NAG C . 2.54 -18.26 -16.69
C6 NAG C . 3.06 -17.87 -18.10
C7 NAG C . -0.13 -19.12 -12.22
C8 NAG C . 0.17 -19.19 -10.74
N2 NAG C . 0.93 -19.12 -12.99
O3 NAG C . 1.95 -21.31 -14.56
O4 NAG C . 3.63 -20.53 -16.70
O5 NAG C . 1.23 -17.68 -16.37
O6 NAG C . 1.99 -18.16 -19.02
O7 NAG C . -1.27 -19.07 -12.65
H1 NAG C . 1.95 -17.23 -14.45
H2 NAG C . -0.06 -19.52 -14.80
H3 NAG C . 2.97 -19.55 -14.40
H4 NAG C . 1.58 -20.18 -17.02
H5 NAG C . 3.29 -17.88 -15.98
H61 NAG C . 3.94 -18.45 -18.35
H62 NAG C . 3.30 -16.80 -18.13
H81 NAG C . 0.75 -18.35 -10.45
H82 NAG C . -0.73 -19.19 -10.19
H83 NAG C . 0.71 -20.08 -10.52
HN2 NAG C . 1.85 -19.14 -12.56
HO3 NAG C . 2.69 -21.82 -14.75
HO4 NAG C . 3.84 -20.41 -17.62
HO6 NAG C . 2.29 -17.90 -19.91
C1 NAG D . -7.26 21.34 -4.63
C2 NAG D . -7.88 21.70 -5.95
C3 NAG D . -6.95 22.62 -6.77
C4 NAG D . -6.44 23.81 -5.93
C5 NAG D . -5.91 23.32 -4.56
C6 NAG D . -5.46 24.44 -3.67
C7 NAG D . -9.51 20.22 -7.01
C8 NAG D . -9.78 19.02 -7.87
N2 NAG D . -8.24 20.51 -6.75
O3 NAG D . -7.64 23.05 -7.98
O4 NAG D . -5.39 24.43 -6.68
O5 NAG D . -6.85 22.53 -3.91
O6 NAG D . -4.86 23.99 -2.44
O7 NAG D . -10.46 20.90 -6.61
H1 NAG D . -6.37 20.73 -4.86
H2 NAG D . -8.80 22.28 -5.73
H3 NAG D . -6.07 22.03 -7.06
H4 NAG D . -7.28 24.51 -5.75
H5 NAG D . -5.01 22.71 -4.76
H61 NAG D . -6.32 25.07 -3.44
H62 NAG D . -4.73 25.06 -4.21
H81 NAG D . -9.46 18.14 -7.36
H82 NAG D . -10.82 18.95 -8.06
H83 NAG D . -9.26 19.12 -8.78
HN2 NAG D . -7.50 19.92 -7.10
HO3 NAG D . -7.06 23.57 -8.52
HO6 NAG D . -4.58 24.75 -1.92
C1 NAG D . -5.66 25.81 -6.99
C2 NAG D . -4.29 26.34 -7.39
C3 NAG D . -4.51 27.81 -7.81
C4 NAG D . -5.60 27.86 -8.91
C5 NAG D . -6.90 27.25 -8.42
C6 NAG D . -8.07 27.36 -9.41
C7 NAG D . -2.45 25.39 -6.12
C8 NAG D . -1.72 25.48 -4.82
N2 NAG D . -3.43 26.28 -6.23
O3 NAG D . -3.22 28.29 -8.23
O4 NAG D . -5.83 29.28 -9.28
O5 NAG D . -6.60 25.90 -8.09
O6 NAG D . -7.65 26.56 -10.53
O7 NAG D . -2.23 24.53 -6.93
H1 NAG D . -6.05 26.37 -6.06
H2 NAG D . -3.90 25.77 -8.22
H3 NAG D . -4.85 28.39 -6.95
H4 NAG D . -5.24 27.28 -9.78
H5 NAG D . -7.20 27.79 -7.51
H61 NAG D . -8.25 28.40 -9.70
H62 NAG D . -8.99 26.96 -8.97
H81 NAG D . -2.40 25.31 -4.02
H82 NAG D . -0.95 24.75 -4.79
H83 NAG D . -1.30 26.44 -4.72
HN2 NAG D . -3.58 26.96 -5.50
HO3 NAG D . -3.36 29.26 -8.51
HO6 NAG D . -8.40 26.60 -11.18
C1 BMA D . -5.69 29.53 -10.71
C2 BMA D . -6.58 30.72 -10.99
C3 BMA D . -6.52 31.31 -12.43
C4 BMA D . -5.01 31.36 -12.83
C5 BMA D . -4.23 30.08 -12.49
C6 BMA D . -2.72 30.05 -12.87
O2 BMA D . -6.14 31.64 -10.00
O3 BMA D . -7.44 32.41 -12.47
O4 BMA D . -4.90 31.41 -14.23
O5 BMA D . -4.37 29.81 -11.09
O6 BMA D . -1.98 31.23 -12.43
H1 BMA D . -6.08 28.67 -11.28
H2 BMA D . -7.62 30.45 -10.78
H3 BMA D . -6.95 30.53 -13.09
H4 BMA D . -4.53 32.23 -12.36
H5 BMA D . -4.70 29.25 -13.04
H61 BMA D . -2.63 29.96 -13.95
H62 BMA D . -2.25 29.17 -12.42
HO2 BMA D . -6.24 31.44 -9.20
HO3 BMA D . -8.17 32.25 -12.39
HO4 BMA D . -5.42 32.36 -14.48
HO6 BMA D . -2.73 31.88 -12.03
C1 NAG E . -30.59 -6.70 -9.10
C2 NAG E . -30.82 -7.88 -8.11
C3 NAG E . -31.84 -7.39 -7.06
C4 NAG E . -31.40 -6.07 -6.44
C5 NAG E . -31.16 -5.00 -7.50
C6 NAG E . -30.58 -3.70 -6.90
C7 NAG E . -30.45 -10.03 -9.18
C8 NAG E . -31.17 -11.06 -10.06
N2 NAG E . -31.26 -9.05 -8.81
O3 NAG E . -31.99 -8.40 -6.04
O4 NAG E . -32.51 -5.59 -5.63
O5 NAG E . -30.10 -5.58 -8.34
O6 NAG E . -29.31 -3.96 -6.22
O7 NAG E . -29.24 -10.14 -8.95
H1 NAG E . -31.57 -6.43 -9.54
H2 NAG E . -29.87 -8.09 -7.59
H3 NAG E . -32.79 -7.23 -7.56
H4 NAG E . -30.49 -6.23 -5.83
H5 NAG E . -32.07 -4.80 -8.07
H61 NAG E . -31.29 -3.27 -6.20
H62 NAG E . -30.42 -2.99 -7.70
H81 NAG E . -31.55 -10.59 -10.93
H82 NAG E . -30.49 -11.82 -10.35
H83 NAG E . -31.97 -11.49 -9.52
HN2 NAG E . -32.23 -9.09 -9.07
HO3 NAG E . -32.65 -8.12 -5.40
HO6 NAG E . -28.96 -3.14 -5.84
C1 NAG E . -32.05 -5.18 -4.32
C2 NAG E . -33.14 -4.31 -3.70
C3 NAG E . -32.74 -3.91 -2.27
C4 NAG E . -32.44 -5.10 -1.40
C5 NAG E . -31.37 -5.94 -2.19
C6 NAG E . -30.94 -7.18 -1.45
C7 NAG E . -34.26 -3.01 -5.44
C8 NAG E . -34.38 -1.66 -6.12
N2 NAG E . -33.33 -3.10 -4.49
O3 NAG E . -33.79 -3.16 -1.63
O4 NAG E . -31.96 -4.60 -0.14
O5 NAG E . -31.92 -6.30 -3.48
O6 NAG E . -32.17 -7.86 -1.29
O7 NAG E . -34.98 -3.96 -5.73
H1 NAG E . -31.11 -4.62 -4.37
H2 NAG E . -34.07 -4.89 -3.65
H3 NAG E . -31.83 -3.29 -2.32
H4 NAG E . -33.36 -5.69 -1.27
H5 NAG E . -30.48 -5.31 -2.33
H61 NAG E . -30.49 -6.93 -0.48
H62 NAG E . -30.23 -7.76 -2.04
H81 NAG E . -33.46 -1.40 -6.57
H82 NAG E . -35.14 -1.71 -6.85
H83 NAG E . -34.64 -0.93 -5.39
HN2 NAG E . -32.75 -2.30 -4.29
HO3 NAG E . -33.51 -2.93 -0.75
HO4 NAG E . -31.75 -5.43 0.38
HO6 NAG E . -31.99 -8.70 -0.64
CL CL F . 24.49 -10.91 -1.26
#